data_1GL1
#
_entry.id   1GL1
#
_cell.length_a   92.958
_cell.length_b   92.958
_cell.length_c   165.841
_cell.angle_alpha   90.00
_cell.angle_beta   90.00
_cell.angle_gamma   120.00
#
_symmetry.space_group_name_H-M   'P 65'
#
loop_
_entity.id
_entity.type
_entity.pdbx_description
1 polymer ALPHA-CHYMOTRYPSIN
2 polymer 'PROTEASE INHIBITOR LCMI II'
3 non-polymer 'CADMIUM ION'
4 water water
#
loop_
_entity_poly.entity_id
_entity_poly.type
_entity_poly.pdbx_seq_one_letter_code
_entity_poly.pdbx_strand_id
1 'polypeptide(L)'
;CGVPAIQPVLSGLSRIVNGEEAVPGSWPWQVSLQDKTGFHFCGGSLINENWVVTAAHCGVTTSDVVVAGEFDQGSSSEKI
QKLKIAKVFKNSKYNSLTINNDITLLKLSTAASFSQTVSAVCLPSASDDFAAGTTCVTTGWGLTRYTNANTPDRLQQASL
PLLSNTNCKKYWGTKIKDAMICAGASGVSSCMGDSGGPLVCKKNGAWTLVGIVSWGSSTCSTSTPGVYARVTALVNWVQQ
TLAAN
;
A,B,C
2 'polypeptide(L)' EISCEPGKTFKDKCNTCRCGADGKSAACTLKACPNQ I,J,K
#
loop_
_chem_comp.id
_chem_comp.type
_chem_comp.name
_chem_comp.formula
CD non-polymer 'CADMIUM ION' 'Cd 2'
#
# COMPACT_ATOMS: atom_id res chain seq x y z
N CYS A 1 -8.83 -13.43 -7.43
CA CYS A 1 -8.63 -13.94 -6.04
C CYS A 1 -7.29 -13.50 -5.50
N GLY A 2 -7.08 -13.63 -4.20
CA GLY A 2 -5.82 -13.30 -3.58
C GLY A 2 -5.31 -11.87 -3.55
N VAL A 3 -6.14 -10.90 -3.93
CA VAL A 3 -5.72 -9.50 -3.92
C VAL A 3 -6.74 -8.71 -3.10
N PRO A 4 -6.45 -8.47 -1.81
CA PRO A 4 -7.34 -7.73 -0.94
C PRO A 4 -7.51 -6.24 -1.29
N ALA A 5 -8.77 -5.78 -1.31
CA ALA A 5 -9.08 -4.40 -1.63
C ALA A 5 -8.34 -3.49 -0.65
N ILE A 6 -8.21 -3.96 0.58
CA ILE A 6 -7.51 -3.21 1.61
C ILE A 6 -6.19 -3.92 1.85
N GLN A 7 -5.13 -3.40 1.20
CA GLN A 7 -3.82 -4.01 1.32
C GLN A 7 -3.35 -4.21 2.75
N PRO A 8 -2.87 -5.42 3.08
CA PRO A 8 -2.39 -5.73 4.43
C PRO A 8 -0.98 -5.18 4.63
N VAL A 9 -0.66 -4.86 5.87
CA VAL A 9 0.65 -4.34 6.22
C VAL A 9 1.34 -5.26 7.21
N LEU A 10 2.46 -5.83 6.79
CA LEU A 10 3.20 -6.77 7.62
C LEU A 10 4.52 -6.16 8.07
N SER A 11 4.75 -6.13 9.38
CA SER A 11 5.98 -5.57 9.91
C SER A 11 7.00 -6.69 10.06
N GLY A 12 7.48 -7.19 8.92
CA GLY A 12 8.46 -8.27 8.93
C GLY A 12 9.12 -8.43 7.58
N ILE A 16 -2.66 -17.10 17.80
CA ILE A 16 -1.24 -16.94 17.39
C ILE A 16 -0.41 -16.27 18.47
N VAL A 17 0.67 -16.93 18.86
CA VAL A 17 1.58 -16.42 19.88
C VAL A 17 2.65 -15.54 19.24
N ASN A 18 2.91 -14.39 19.84
CA ASN A 18 3.95 -13.47 19.35
C ASN A 18 3.64 -12.89 17.98
N GLY A 19 2.37 -12.73 17.67
CA GLY A 19 1.99 -12.15 16.40
C GLY A 19 1.72 -10.68 16.58
N GLU A 20 0.96 -10.10 15.66
CA GLU A 20 0.62 -8.69 15.75
C GLU A 20 -0.80 -8.51 15.24
N GLU A 21 -1.41 -7.38 15.59
CA GLU A 21 -2.77 -7.07 15.17
C GLU A 21 -2.74 -6.67 13.71
N ALA A 22 -3.68 -7.19 12.93
CA ALA A 22 -3.74 -6.90 11.52
C ALA A 22 -4.56 -5.66 11.19
N VAL A 23 -4.38 -5.15 9.98
CA VAL A 23 -5.15 -4.00 9.54
C VAL A 23 -6.54 -4.55 9.28
N PRO A 24 -7.58 -3.90 9.83
CA PRO A 24 -8.96 -4.38 9.63
C PRO A 24 -9.34 -4.57 8.18
N GLY A 25 -9.86 -5.74 7.87
CA GLY A 25 -10.29 -6.06 6.51
C GLY A 25 -9.20 -6.40 5.51
N SER A 26 -7.94 -6.48 5.95
CA SER A 26 -6.83 -6.79 5.04
C SER A 26 -6.67 -8.27 4.68
N TRP A 27 -7.42 -9.14 5.35
CA TRP A 27 -7.39 -10.59 5.09
C TRP A 27 -8.86 -10.97 4.89
N PRO A 28 -9.48 -10.48 3.81
CA PRO A 28 -10.88 -10.67 3.41
C PRO A 28 -11.44 -12.08 3.27
N TRP A 29 -10.58 -13.09 3.16
CA TRP A 29 -11.08 -14.46 3.03
C TRP A 29 -11.20 -15.17 4.38
N GLN A 30 -10.63 -14.58 5.42
CA GLN A 30 -10.68 -15.17 6.77
C GLN A 30 -12.07 -15.16 7.38
N VAL A 31 -12.61 -16.34 7.67
CA VAL A 31 -13.91 -16.42 8.31
C VAL A 31 -13.77 -17.06 9.69
N SER A 32 -14.84 -16.97 10.46
CA SER A 32 -14.87 -17.54 11.78
C SER A 32 -16.01 -18.54 11.82
N LEU A 33 -15.74 -19.71 12.40
CA LEU A 33 -16.78 -20.73 12.50
C LEU A 33 -17.31 -20.69 13.92
N GLN A 34 -18.62 -20.49 14.06
CA GLN A 34 -19.24 -20.38 15.37
C GLN A 34 -20.40 -21.32 15.57
N ASP A 35 -20.61 -21.73 16.83
CA ASP A 35 -21.70 -22.64 17.16
C ASP A 35 -22.97 -21.84 17.44
N LYS A 36 -24.05 -22.54 17.77
CA LYS A 36 -25.34 -21.91 18.04
C LYS A 36 -25.27 -20.81 19.09
N THR A 37 -24.41 -20.98 20.08
CA THR A 37 -24.27 -19.98 21.14
C THR A 37 -23.41 -18.79 20.76
N GLY A 38 -22.81 -18.83 19.56
CA GLY A 38 -21.98 -17.73 19.11
C GLY A 38 -20.53 -17.89 19.54
N PHE A 39 -20.16 -19.10 19.95
CA PHE A 39 -18.78 -19.38 20.36
C PHE A 39 -17.91 -19.71 19.16
N HIS A 40 -16.79 -19.01 19.04
CA HIS A 40 -15.82 -19.22 17.96
C HIS A 40 -14.99 -20.46 18.31
N PHE A 41 -15.00 -21.47 17.46
CA PHE A 41 -14.21 -22.66 17.75
C PHE A 41 -13.15 -22.98 16.69
N CYS A 42 -13.30 -22.43 15.50
CA CYS A 42 -12.35 -22.66 14.41
C CYS A 42 -12.35 -21.55 13.38
N GLY A 43 -11.27 -21.48 12.60
CA GLY A 43 -11.18 -20.49 11.53
C GLY A 43 -11.45 -21.18 10.20
N GLY A 44 -11.36 -20.41 9.12
CA GLY A 44 -11.59 -20.97 7.78
C GLY A 44 -11.29 -19.93 6.72
N SER A 45 -11.38 -20.33 5.45
CA SER A 45 -11.10 -19.44 4.31
C SER A 45 -12.10 -19.57 3.16
N LEU A 46 -12.59 -18.44 2.67
CA LEU A 46 -13.52 -18.41 1.54
C LEU A 46 -12.70 -18.66 0.27
N ILE A 47 -13.17 -19.54 -0.60
CA ILE A 47 -12.46 -19.81 -1.85
C ILE A 47 -13.26 -19.30 -3.04
N ASN A 48 -14.54 -19.02 -2.79
CA ASN A 48 -15.45 -18.46 -3.79
C ASN A 48 -16.73 -18.05 -3.07
N GLU A 49 -17.71 -17.54 -3.79
CA GLU A 49 -18.94 -17.08 -3.15
C GLU A 49 -19.77 -18.13 -2.41
N ASN A 50 -19.68 -19.38 -2.83
CA ASN A 50 -20.48 -20.43 -2.20
C ASN A 50 -19.74 -21.45 -1.34
N TRP A 51 -18.41 -21.39 -1.29
CA TRP A 51 -17.64 -22.37 -0.52
C TRP A 51 -16.57 -21.88 0.46
N VAL A 52 -16.45 -22.59 1.57
CA VAL A 52 -15.46 -22.28 2.60
C VAL A 52 -14.63 -23.54 2.87
N VAL A 53 -13.32 -23.38 3.02
CA VAL A 53 -12.46 -24.52 3.30
C VAL A 53 -11.92 -24.40 4.72
N THR A 54 -11.91 -25.52 5.44
CA THR A 54 -11.42 -25.54 6.82
C THR A 54 -10.85 -26.92 7.15
N ALA A 55 -10.59 -27.18 8.43
CA ALA A 55 -10.02 -28.47 8.83
C ALA A 55 -11.09 -29.50 9.18
N ALA A 56 -10.83 -30.75 8.82
CA ALA A 56 -11.77 -31.84 9.10
C ALA A 56 -11.93 -32.04 10.62
N HIS A 57 -10.83 -31.96 11.38
CA HIS A 57 -10.92 -32.16 12.82
C HIS A 57 -11.75 -31.12 13.56
N CYS A 58 -12.13 -30.05 12.89
CA CYS A 58 -12.95 -29.03 13.56
C CYS A 58 -14.35 -29.59 13.83
N GLY A 59 -14.74 -30.62 13.08
CA GLY A 59 -16.04 -31.24 13.28
C GLY A 59 -17.25 -30.36 13.05
N VAL A 60 -17.21 -29.57 11.98
CA VAL A 60 -18.31 -28.68 11.65
C VAL A 60 -19.58 -29.42 11.20
N THR A 61 -20.74 -28.92 11.61
CA THR A 61 -22.02 -29.52 11.24
C THR A 61 -22.91 -28.45 10.62
N THR A 62 -24.00 -28.86 9.97
CA THR A 62 -24.91 -27.93 9.34
C THR A 62 -25.64 -27.07 10.37
N SER A 63 -25.28 -27.23 11.64
CA SER A 63 -25.90 -26.45 12.69
C SER A 63 -25.00 -25.29 13.13
N ASP A 64 -23.78 -25.27 12.60
CA ASP A 64 -22.82 -24.22 12.91
C ASP A 64 -23.01 -23.05 11.96
N VAL A 65 -22.36 -21.93 12.24
CA VAL A 65 -22.48 -20.74 11.41
C VAL A 65 -21.14 -20.17 10.94
N VAL A 66 -21.12 -19.65 9.71
CA VAL A 66 -19.91 -19.03 9.15
C VAL A 66 -20.08 -17.52 9.23
N VAL A 67 -19.12 -16.84 9.86
CA VAL A 67 -19.17 -15.39 10.00
C VAL A 67 -18.06 -14.76 9.17
N ALA A 68 -18.45 -14.00 8.14
CA ALA A 68 -17.49 -13.35 7.26
C ALA A 68 -17.41 -11.84 7.50
N GLY A 69 -16.29 -11.24 7.09
CA GLY A 69 -16.09 -9.80 7.23
C GLY A 69 -15.84 -9.28 8.62
N GLU A 70 -15.43 -10.15 9.53
CA GLU A 70 -15.19 -9.78 10.92
C GLU A 70 -13.74 -9.42 11.22
N PHE A 71 -13.53 -8.59 12.24
CA PHE A 71 -12.19 -8.19 12.67
C PHE A 71 -12.10 -8.26 14.19
N ASP A 72 -13.02 -7.58 14.85
CA ASP A 72 -13.06 -7.55 16.31
C ASP A 72 -14.29 -8.34 16.74
N GLN A 73 -14.06 -9.50 17.34
CA GLN A 73 -15.17 -10.36 17.77
C GLN A 73 -15.95 -9.83 18.96
N GLY A 74 -15.41 -8.80 19.62
CA GLY A 74 -16.10 -8.23 20.76
C GLY A 74 -16.95 -7.04 20.36
N SER A 75 -16.90 -6.67 19.09
CA SER A 75 -17.66 -5.53 18.58
C SER A 75 -19.03 -5.93 18.08
N SER A 76 -19.94 -4.95 18.03
CA SER A 76 -21.29 -5.20 17.55
C SER A 76 -21.69 -4.17 16.50
N SER A 77 -20.73 -3.40 16.02
CA SER A 77 -21.00 -2.37 15.00
C SER A 77 -20.32 -2.61 13.65
N GLU A 78 -19.81 -3.82 13.44
CA GLU A 78 -19.16 -4.16 12.19
C GLU A 78 -20.19 -4.72 11.22
N LYS A 79 -19.95 -4.50 9.92
CA LYS A 79 -20.87 -4.99 8.89
C LYS A 79 -20.44 -6.41 8.50
N ILE A 80 -20.90 -7.39 9.27
CA ILE A 80 -20.56 -8.79 9.03
C ILE A 80 -21.68 -9.56 8.37
N GLN A 81 -21.36 -10.77 7.89
CA GLN A 81 -22.33 -11.64 7.25
C GLN A 81 -22.37 -13.00 7.93
N LYS A 82 -23.54 -13.36 8.48
CA LYS A 82 -23.70 -14.65 9.13
C LYS A 82 -24.32 -15.57 8.10
N LEU A 83 -23.56 -16.57 7.67
CA LEU A 83 -24.02 -17.49 6.65
C LEU A 83 -24.31 -18.89 7.14
N LYS A 84 -25.43 -19.45 6.68
CA LYS A 84 -25.83 -20.79 7.08
C LYS A 84 -25.12 -21.81 6.18
N ILE A 85 -24.99 -23.03 6.69
CA ILE A 85 -24.31 -24.08 5.95
C ILE A 85 -25.28 -25.10 5.35
N ALA A 86 -25.14 -25.35 4.05
CA ALA A 86 -26.00 -26.30 3.36
C ALA A 86 -25.54 -27.74 3.52
N LYS A 87 -24.27 -28.00 3.18
CA LYS A 87 -23.73 -29.36 3.30
C LYS A 87 -22.27 -29.32 3.72
N VAL A 88 -21.86 -30.36 4.42
CA VAL A 88 -20.49 -30.51 4.89
C VAL A 88 -19.86 -31.66 4.11
N PHE A 89 -18.71 -31.40 3.49
CA PHE A 89 -18.01 -32.44 2.73
C PHE A 89 -16.64 -32.73 3.35
N LYS A 90 -16.58 -33.73 4.21
CA LYS A 90 -15.32 -34.11 4.84
C LYS A 90 -14.54 -35.02 3.89
N ASN A 91 -13.22 -34.83 3.82
CA ASN A 91 -12.39 -35.65 2.94
C ASN A 91 -12.43 -37.09 3.40
N SER A 92 -12.84 -37.99 2.50
CA SER A 92 -12.96 -39.41 2.81
C SER A 92 -11.70 -40.06 3.38
N LYS A 93 -10.53 -39.55 3.04
CA LYS A 93 -9.28 -40.12 3.53
C LYS A 93 -8.79 -39.57 4.86
N TYR A 94 -9.60 -38.73 5.50
CA TYR A 94 -9.20 -38.16 6.79
C TYR A 94 -9.00 -39.24 7.83
N ASN A 95 -7.82 -39.25 8.47
CA ASN A 95 -7.54 -40.22 9.50
C ASN A 95 -7.54 -39.51 10.85
N SER A 96 -8.54 -39.78 11.66
CA SER A 96 -8.66 -39.14 12.97
C SER A 96 -7.61 -39.56 14.00
N LEU A 97 -6.76 -40.53 13.64
CA LEU A 97 -5.72 -40.97 14.55
C LEU A 97 -4.39 -40.34 14.21
N THR A 98 -4.15 -40.13 12.92
CA THR A 98 -2.91 -39.51 12.47
C THR A 98 -3.12 -38.05 12.11
N ILE A 99 -4.39 -37.64 12.02
CA ILE A 99 -4.76 -36.27 11.66
C ILE A 99 -4.25 -35.97 10.25
N ASN A 100 -4.29 -36.97 9.37
CA ASN A 100 -3.82 -36.79 8.01
C ASN A 100 -4.98 -36.49 7.06
N ASN A 101 -4.71 -35.74 5.99
CA ASN A 101 -5.73 -35.35 5.04
C ASN A 101 -6.79 -34.56 5.80
N ASP A 102 -6.31 -33.64 6.63
CA ASP A 102 -7.14 -32.81 7.49
C ASP A 102 -7.82 -31.66 6.74
N ILE A 103 -8.80 -31.98 5.91
CA ILE A 103 -9.49 -30.95 5.16
C ILE A 103 -10.98 -31.20 4.98
N THR A 104 -11.77 -30.14 5.13
CA THR A 104 -13.22 -30.22 4.96
C THR A 104 -13.73 -29.02 4.17
N LEU A 105 -14.74 -29.27 3.34
CA LEU A 105 -15.37 -28.23 2.52
C LEU A 105 -16.77 -27.94 3.02
N LEU A 106 -17.15 -26.67 2.99
CA LEU A 106 -18.47 -26.27 3.46
C LEU A 106 -19.24 -25.55 2.37
N LYS A 107 -20.35 -26.14 1.93
CA LYS A 107 -21.18 -25.50 0.92
C LYS A 107 -22.22 -24.64 1.64
N LEU A 108 -22.16 -23.33 1.42
CA LEU A 108 -23.07 -22.37 2.05
C LEU A 108 -24.48 -22.46 1.48
N SER A 109 -25.49 -22.28 2.35
CA SER A 109 -26.89 -22.34 1.91
C SER A 109 -27.29 -21.00 1.29
N THR A 110 -26.46 -19.99 1.53
CA THR A 110 -26.67 -18.65 0.99
C THR A 110 -25.30 -18.09 0.59
N ALA A 111 -25.18 -17.68 -0.67
CA ALA A 111 -23.93 -17.14 -1.18
C ALA A 111 -23.47 -15.90 -0.42
N ALA A 112 -22.15 -15.75 -0.33
CA ALA A 112 -21.55 -14.60 0.36
C ALA A 112 -21.47 -13.41 -0.58
N SER A 113 -21.70 -12.21 -0.05
CA SER A 113 -21.65 -10.99 -0.86
C SER A 113 -20.26 -10.38 -0.79
N PHE A 114 -19.52 -10.47 -1.89
CA PHE A 114 -18.17 -9.93 -1.93
C PHE A 114 -18.17 -8.41 -1.89
N SER A 115 -17.17 -7.87 -1.20
CA SER A 115 -17.02 -6.43 -1.03
C SER A 115 -15.55 -6.15 -0.76
N GLN A 116 -15.25 -5.03 -0.10
CA GLN A 116 -13.85 -4.72 0.18
C GLN A 116 -13.32 -5.44 1.41
N THR A 117 -14.21 -6.05 2.20
CA THR A 117 -13.80 -6.78 3.39
C THR A 117 -14.10 -8.28 3.28
N VAL A 118 -14.71 -8.67 2.17
CA VAL A 118 -15.06 -10.06 1.93
C VAL A 118 -14.78 -10.45 0.48
N SER A 119 -13.82 -11.37 0.30
CA SER A 119 -13.43 -11.85 -1.02
C SER A 119 -12.70 -13.19 -0.88
N ALA A 120 -12.33 -13.81 -1.99
CA ALA A 120 -11.70 -15.13 -1.95
C ALA A 120 -10.18 -15.24 -2.05
N VAL A 121 -9.63 -16.29 -1.46
CA VAL A 121 -8.20 -16.53 -1.51
C VAL A 121 -7.98 -17.47 -2.72
N CYS A 122 -6.80 -17.41 -3.32
CA CYS A 122 -6.53 -18.27 -4.48
C CYS A 122 -6.09 -19.67 -4.06
N LEU A 123 -6.40 -20.67 -4.91
CA LEU A 123 -5.98 -22.05 -4.65
C LEU A 123 -4.80 -22.36 -5.56
N PRO A 124 -3.83 -23.16 -5.08
CA PRO A 124 -2.66 -23.50 -5.90
C PRO A 124 -2.90 -24.68 -6.83
N SER A 125 -1.94 -24.96 -7.69
CA SER A 125 -2.02 -26.10 -8.59
C SER A 125 -1.25 -27.21 -7.89
N ALA A 126 -1.70 -28.45 -8.05
CA ALA A 126 -1.08 -29.60 -7.42
C ALA A 126 0.43 -29.68 -7.62
N SER A 127 0.90 -29.18 -8.75
CA SER A 127 2.33 -29.21 -9.06
C SER A 127 3.11 -28.03 -8.52
N ASP A 128 2.40 -27.03 -8.03
CA ASP A 128 3.04 -25.83 -7.51
C ASP A 128 4.17 -26.09 -6.53
N ASP A 129 5.20 -25.26 -6.63
CA ASP A 129 6.37 -25.38 -5.80
C ASP A 129 6.50 -24.22 -4.81
N PHE A 130 6.36 -24.54 -3.53
CA PHE A 130 6.52 -23.55 -2.47
C PHE A 130 7.72 -24.02 -1.69
N ALA A 131 8.87 -23.47 -2.06
CA ALA A 131 10.16 -23.82 -1.47
C ALA A 131 10.34 -23.55 0.01
N ALA A 132 11.07 -24.45 0.66
CA ALA A 132 11.36 -24.32 2.09
C ALA A 132 12.14 -23.02 2.23
N GLY A 133 11.91 -22.31 3.32
CA GLY A 133 12.60 -21.04 3.53
C GLY A 133 11.75 -19.85 3.13
N THR A 134 10.72 -20.08 2.31
CA THR A 134 9.85 -19.00 1.88
C THR A 134 9.12 -18.44 3.10
N THR A 135 8.99 -17.11 3.14
CA THR A 135 8.30 -16.44 4.23
C THR A 135 6.84 -16.27 3.84
N CYS A 136 5.95 -16.92 4.59
CA CYS A 136 4.51 -16.84 4.32
C CYS A 136 3.76 -16.24 5.53
N VAL A 137 2.43 -16.26 5.48
CA VAL A 137 1.65 -15.66 6.55
C VAL A 137 0.49 -16.53 7.06
N THR A 138 0.26 -16.52 8.37
CA THR A 138 -0.88 -17.26 8.94
C THR A 138 -1.67 -16.28 9.82
N THR A 139 -2.99 -16.41 9.83
CA THR A 139 -3.85 -15.49 10.59
C THR A 139 -4.90 -16.22 11.45
N GLY A 140 -5.40 -15.54 12.47
CA GLY A 140 -6.42 -16.16 13.33
C GLY A 140 -6.74 -15.47 14.64
N TRP A 141 -7.76 -15.98 15.32
CA TRP A 141 -8.20 -15.45 16.62
C TRP A 141 -7.81 -16.40 17.77
N GLY A 142 -6.78 -17.19 17.55
CA GLY A 142 -6.34 -18.11 18.59
C GLY A 142 -5.54 -17.43 19.68
N LEU A 143 -5.27 -18.17 20.76
CA LEU A 143 -4.51 -17.64 21.91
C LEU A 143 -3.24 -16.91 21.51
N THR A 144 -2.93 -15.84 22.25
CA THR A 144 -1.71 -15.07 21.99
C THR A 144 -0.72 -15.39 23.10
N ARG A 145 -1.23 -16.01 24.16
CA ARG A 145 -0.42 -16.40 25.31
C ARG A 145 -1.12 -17.51 26.07
N TYR A 146 -0.33 -18.34 26.75
CA TYR A 146 -0.87 -19.47 27.50
C TYR A 146 -1.00 -19.17 29.01
N ASN A 150 -5.29 -16.29 27.33
CA ASN A 150 -5.63 -14.97 26.73
C ASN A 150 -6.10 -15.07 25.28
N THR A 151 -7.41 -14.96 25.09
CA THR A 151 -8.04 -15.03 23.77
C THR A 151 -8.21 -13.62 23.22
N PRO A 152 -7.65 -13.34 22.03
CA PRO A 152 -7.75 -12.02 21.41
C PRO A 152 -9.11 -11.63 20.81
N ASP A 153 -9.44 -10.35 20.92
CA ASP A 153 -10.68 -9.78 20.39
C ASP A 153 -10.50 -9.56 18.88
N ARG A 154 -9.31 -9.06 18.54
CA ARG A 154 -8.97 -8.71 17.18
C ARG A 154 -8.11 -9.73 16.44
N LEU A 155 -8.35 -9.82 15.14
CA LEU A 155 -7.62 -10.73 14.27
C LEU A 155 -6.11 -10.48 14.29
N GLN A 156 -5.35 -11.53 14.59
CA GLN A 156 -3.90 -11.44 14.64
C GLN A 156 -3.30 -12.00 13.34
N GLN A 157 -2.04 -11.65 13.08
CA GLN A 157 -1.30 -12.12 11.91
C GLN A 157 0.14 -12.37 12.29
N ALA A 158 0.83 -13.20 11.52
CA ALA A 158 2.24 -13.51 11.77
C ALA A 158 2.95 -14.01 10.51
N SER A 159 4.21 -13.61 10.34
CA SER A 159 5.00 -14.06 9.21
C SER A 159 5.86 -15.19 9.73
N LEU A 160 6.07 -16.21 8.91
CA LEU A 160 6.88 -17.36 9.33
C LEU A 160 7.37 -18.13 8.11
N PRO A 161 8.51 -18.83 8.23
CA PRO A 161 9.05 -19.58 7.10
C PRO A 161 8.57 -21.03 7.02
N LEU A 162 8.42 -21.52 5.80
CA LEU A 162 8.03 -22.90 5.56
C LEU A 162 9.27 -23.75 5.80
N LEU A 163 9.07 -24.97 6.28
CA LEU A 163 10.19 -25.89 6.50
C LEU A 163 10.03 -27.04 5.50
N SER A 164 11.07 -27.85 5.35
CA SER A 164 10.97 -29.01 4.45
C SER A 164 10.55 -30.14 5.37
N ASN A 165 9.84 -31.13 4.83
CA ASN A 165 9.39 -32.23 5.66
C ASN A 165 10.54 -33.00 6.29
N THR A 166 11.73 -32.94 5.68
CA THR A 166 12.90 -33.62 6.22
C THR A 166 13.34 -32.92 7.48
N ASN A 167 13.32 -31.60 7.47
CA ASN A 167 13.71 -30.84 8.65
C ASN A 167 12.63 -30.90 9.73
N CYS A 168 11.38 -31.09 9.30
CA CYS A 168 10.28 -31.16 10.27
C CYS A 168 10.28 -32.49 10.99
N LYS A 169 10.70 -33.55 10.32
CA LYS A 169 10.74 -34.87 10.93
C LYS A 169 11.75 -34.90 12.07
N LYS A 170 12.73 -33.99 12.03
CA LYS A 170 13.72 -33.92 13.10
C LYS A 170 12.99 -33.57 14.39
N TYR A 171 11.82 -32.95 14.23
CA TYR A 171 11.02 -32.53 15.37
C TYR A 171 9.87 -33.49 15.69
N TRP A 172 9.17 -33.93 14.64
CA TRP A 172 8.00 -34.79 14.85
C TRP A 172 8.09 -36.25 14.41
N GLY A 173 9.22 -36.65 13.84
CA GLY A 173 9.37 -38.03 13.42
C GLY A 173 8.31 -38.54 12.46
N THR A 174 7.88 -39.78 12.67
CA THR A 174 6.90 -40.43 11.82
C THR A 174 5.49 -39.86 11.80
N LYS A 175 5.26 -38.77 12.52
CA LYS A 175 3.93 -38.16 12.53
C LYS A 175 3.72 -37.32 11.27
N ILE A 176 4.81 -36.87 10.67
CA ILE A 176 4.75 -36.06 9.46
C ILE A 176 4.50 -36.89 8.20
N LYS A 177 3.29 -36.76 7.65
CA LYS A 177 2.93 -37.47 6.43
C LYS A 177 3.15 -36.57 5.23
N ASP A 178 3.00 -37.13 4.03
CA ASP A 178 3.21 -36.35 2.81
C ASP A 178 2.15 -35.25 2.62
N ALA A 179 0.95 -35.47 3.13
CA ALA A 179 -0.11 -34.47 3.01
C ALA A 179 -0.03 -33.42 4.14
N MET A 180 1.17 -33.17 4.64
CA MET A 180 1.40 -32.20 5.70
C MET A 180 2.58 -31.30 5.36
N ILE A 181 2.52 -30.05 5.81
CA ILE A 181 3.63 -29.13 5.61
C ILE A 181 3.81 -28.38 6.94
N CYS A 182 5.06 -28.06 7.29
CA CYS A 182 5.36 -27.37 8.54
C CYS A 182 5.88 -25.97 8.31
N ALA A 183 5.70 -25.11 9.32
CA ALA A 183 6.17 -23.73 9.27
C ALA A 183 6.32 -23.22 10.70
N GLY A 184 7.17 -22.23 10.89
CA GLY A 184 7.36 -21.69 12.23
C GLY A 184 8.68 -22.07 12.87
N ALA A 185 8.67 -22.19 14.19
CA ALA A 185 9.85 -22.52 14.96
C ALA A 185 10.81 -21.35 14.74
N SER A 186 10.24 -20.16 14.59
CA SER A 186 11.02 -18.95 14.35
C SER A 186 10.63 -17.78 15.23
N GLY A 187 9.92 -18.05 16.32
CA GLY A 187 9.51 -16.98 17.22
C GLY A 187 8.01 -16.86 17.40
N VAL A 188 7.24 -17.36 16.45
CA VAL A 188 5.79 -17.29 16.55
C VAL A 188 5.21 -18.70 16.59
N SER A 189 3.91 -18.81 16.88
CA SER A 189 3.28 -20.12 16.96
C SER A 189 1.76 -20.12 16.90
N SER A 190 1.20 -21.03 16.09
CA SER A 190 -0.25 -21.14 16.01
C SER A 190 -0.67 -21.69 17.36
N CYS A 191 -1.93 -21.48 17.76
CA CYS A 191 -2.35 -21.96 19.07
C CYS A 191 -3.85 -22.26 19.07
N MET A 192 -4.38 -22.73 20.20
CA MET A 192 -5.80 -23.07 20.32
C MET A 192 -6.72 -21.97 19.78
N GLY A 193 -7.62 -22.35 18.87
CA GLY A 193 -8.53 -21.39 18.27
C GLY A 193 -8.12 -21.02 16.85
N ASP A 194 -6.87 -21.33 16.50
CA ASP A 194 -6.34 -21.04 15.17
C ASP A 194 -6.71 -22.11 14.14
N SER A 195 -7.03 -23.32 14.61
CA SER A 195 -7.38 -24.45 13.74
C SER A 195 -8.31 -24.11 12.56
N GLY A 196 -8.01 -24.68 11.39
CA GLY A 196 -8.84 -24.45 10.22
C GLY A 196 -8.51 -23.17 9.48
N GLY A 197 -7.69 -22.33 10.12
CA GLY A 197 -7.30 -21.07 9.54
C GLY A 197 -6.30 -21.23 8.41
N PRO A 198 -6.00 -20.15 7.68
CA PRO A 198 -5.05 -20.22 6.56
C PRO A 198 -3.57 -19.97 6.85
N LEU A 199 -2.75 -20.50 5.94
CA LEU A 199 -1.32 -20.31 5.91
C LEU A 199 -1.21 -19.92 4.43
N VAL A 200 -0.88 -18.65 4.17
CA VAL A 200 -0.80 -18.18 2.78
C VAL A 200 0.58 -17.66 2.35
N CYS A 201 0.87 -17.84 1.07
CA CYS A 201 2.13 -17.38 0.49
C CYS A 201 1.77 -16.66 -0.81
N LYS A 202 2.53 -15.63 -1.16
CA LYS A 202 2.23 -14.91 -2.39
C LYS A 202 2.93 -15.55 -3.59
N LYS A 203 2.14 -15.87 -4.60
CA LYS A 203 2.67 -16.47 -5.81
C LYS A 203 2.25 -15.61 -6.99
N ASN A 204 3.23 -15.11 -7.73
CA ASN A 204 2.97 -14.26 -8.89
C ASN A 204 2.01 -13.12 -8.55
N GLY A 205 2.26 -12.46 -7.42
CA GLY A 205 1.42 -11.34 -7.02
C GLY A 205 0.14 -11.59 -6.26
N ALA A 206 -0.31 -12.84 -6.14
CA ALA A 206 -1.55 -13.12 -5.43
C ALA A 206 -1.38 -14.09 -4.24
N TRP A 207 -2.09 -13.81 -3.14
CA TRP A 207 -2.01 -14.65 -1.96
C TRP A 207 -2.67 -15.99 -2.26
N THR A 208 -1.95 -17.08 -1.97
CA THR A 208 -2.44 -18.42 -2.25
C THR A 208 -2.41 -19.34 -1.04
N LEU A 209 -3.49 -20.09 -0.86
CA LEU A 209 -3.63 -21.00 0.27
C LEU A 209 -2.71 -22.22 0.12
N VAL A 210 -1.69 -22.32 0.96
CA VAL A 210 -0.79 -23.46 0.89
C VAL A 210 -0.88 -24.39 2.10
N GLY A 211 -1.53 -23.90 3.16
CA GLY A 211 -1.69 -24.71 4.36
C GLY A 211 -2.94 -24.36 5.14
N ILE A 212 -3.40 -25.31 5.96
CA ILE A 212 -4.56 -25.13 6.82
C ILE A 212 -4.13 -25.54 8.23
N VAL A 213 -4.25 -24.64 9.19
CA VAL A 213 -3.82 -24.92 10.56
C VAL A 213 -4.38 -26.27 11.04
N SER A 214 -3.50 -27.21 11.36
CA SER A 214 -3.92 -28.55 11.76
C SER A 214 -3.58 -28.97 13.20
N TRP A 215 -2.30 -28.99 13.54
CA TRP A 215 -1.91 -29.37 14.89
C TRP A 215 -0.50 -28.93 15.21
N GLY A 216 -0.11 -29.12 16.47
CA GLY A 216 1.22 -28.72 16.89
C GLY A 216 1.42 -28.86 18.38
N SER A 217 2.49 -28.22 18.88
CA SER A 217 2.82 -28.23 20.30
C SER A 217 1.62 -27.92 21.19
N SER A 218 1.41 -28.74 22.19
CA SER A 218 0.30 -28.55 23.12
C SER A 218 0.48 -27.28 23.96
N THR A 219 1.70 -26.74 23.95
CA THR A 219 1.99 -25.54 24.72
C THR A 219 2.31 -24.36 23.80
N CYS A 220 2.05 -24.53 22.52
CA CYS A 220 2.29 -23.48 21.53
C CYS A 220 3.71 -22.92 21.62
N SER A 221 4.69 -23.81 21.80
CA SER A 221 6.09 -23.43 21.87
C SER A 221 6.49 -22.68 20.60
N THR A 222 7.25 -21.59 20.74
CA THR A 222 7.66 -20.83 19.57
C THR A 222 8.95 -21.34 18.97
N SER A 223 9.45 -22.46 19.49
CA SER A 223 10.68 -23.05 18.98
C SER A 223 10.41 -24.35 18.25
N THR A 224 9.13 -24.74 18.20
CA THR A 224 8.72 -25.97 17.53
C THR A 224 7.83 -25.61 16.34
N PRO A 225 8.08 -26.21 15.17
CA PRO A 225 7.27 -25.90 13.99
C PRO A 225 5.81 -26.37 14.08
N GLY A 226 4.90 -25.58 13.55
CA GLY A 226 3.49 -25.94 13.55
C GLY A 226 3.22 -26.84 12.36
N VAL A 227 2.14 -27.63 12.43
CA VAL A 227 1.81 -28.54 11.35
C VAL A 227 0.50 -28.14 10.65
N TYR A 228 0.52 -28.12 9.32
CA TYR A 228 -0.65 -27.74 8.52
C TYR A 228 -0.93 -28.76 7.43
N ALA A 229 -2.18 -28.83 6.99
CA ALA A 229 -2.53 -29.73 5.90
C ALA A 229 -1.97 -29.09 4.63
N ARG A 230 -1.21 -29.87 3.86
CA ARG A 230 -0.60 -29.37 2.62
C ARG A 230 -1.64 -29.30 1.49
N VAL A 231 -2.11 -28.09 1.20
CA VAL A 231 -3.14 -27.89 0.18
C VAL A 231 -2.79 -28.43 -1.23
N THR A 232 -1.53 -28.40 -1.64
CA THR A 232 -1.18 -28.90 -2.97
C THR A 232 -1.50 -30.39 -3.11
N ALA A 233 -1.44 -31.12 -2.00
CA ALA A 233 -1.71 -32.54 -2.02
C ALA A 233 -3.20 -32.81 -1.89
N LEU A 234 -3.98 -31.75 -1.72
CA LEU A 234 -5.42 -31.90 -1.55
C LEU A 234 -6.30 -31.15 -2.56
N VAL A 235 -5.70 -30.31 -3.40
CA VAL A 235 -6.47 -29.54 -4.38
C VAL A 235 -7.31 -30.35 -5.38
N ASN A 236 -6.77 -31.46 -5.86
CA ASN A 236 -7.53 -32.26 -6.82
C ASN A 236 -8.86 -32.67 -6.20
N TRP A 237 -8.82 -33.10 -4.94
CA TRP A 237 -10.03 -33.50 -4.25
C TRP A 237 -11.00 -32.33 -4.17
N VAL A 238 -10.48 -31.14 -3.90
CA VAL A 238 -11.33 -29.95 -3.81
C VAL A 238 -12.02 -29.71 -5.14
N GLN A 239 -11.25 -29.74 -6.22
CA GLN A 239 -11.77 -29.51 -7.56
C GLN A 239 -12.88 -30.50 -7.93
N GLN A 240 -12.65 -31.78 -7.65
CA GLN A 240 -13.64 -32.81 -7.95
C GLN A 240 -14.93 -32.54 -7.19
N THR A 241 -14.80 -32.23 -5.91
CA THR A 241 -15.96 -31.95 -5.08
C THR A 241 -16.76 -30.76 -5.61
N LEU A 242 -16.06 -29.69 -5.97
CA LEU A 242 -16.73 -28.49 -6.49
C LEU A 242 -17.42 -28.79 -7.81
N ALA A 243 -16.73 -29.51 -8.69
CA ALA A 243 -17.24 -29.87 -10.01
C ALA A 243 -18.49 -30.73 -9.93
N ALA A 244 -18.65 -31.44 -8.82
CA ALA A 244 -19.81 -32.32 -8.67
C ALA A 244 -20.91 -31.75 -7.81
N ASN A 245 -20.80 -30.48 -7.44
CA ASN A 245 -21.81 -29.85 -6.59
C ASN A 245 -21.98 -28.37 -6.89
N CYS B 1 -8.13 3.52 16.64
CA CYS B 1 -7.32 4.75 16.38
C CYS B 1 -6.11 4.41 15.50
N GLY B 2 -5.52 5.44 14.90
CA GLY B 2 -4.33 5.24 14.09
C GLY B 2 -4.43 4.46 12.79
N VAL B 3 -5.64 4.12 12.35
CA VAL B 3 -5.77 3.40 11.09
C VAL B 3 -6.70 4.15 10.16
N PRO B 4 -6.13 4.95 9.25
CA PRO B 4 -6.91 5.75 8.30
C PRO B 4 -7.76 4.90 7.35
N ALA B 5 -8.94 5.40 7.01
CA ALA B 5 -9.83 4.69 6.09
C ALA B 5 -9.19 4.78 4.70
N ILE B 6 -8.62 5.94 4.42
CA ILE B 6 -7.94 6.19 3.16
C ILE B 6 -6.45 6.09 3.45
N GLN B 7 -5.84 4.96 3.09
CA GLN B 7 -4.43 4.74 3.35
C GLN B 7 -3.52 5.78 2.73
N PRO B 8 -2.54 6.26 3.49
CA PRO B 8 -1.60 7.27 2.99
C PRO B 8 -0.52 6.61 2.13
N VAL B 9 -0.07 7.32 1.10
CA VAL B 9 0.97 6.81 0.22
C VAL B 9 2.21 7.68 0.39
N LEU B 10 3.31 7.07 0.81
CA LEU B 10 4.55 7.79 1.05
C LEU B 10 5.69 7.32 0.15
N SER B 11 6.34 8.26 -0.53
CA SER B 11 7.44 7.93 -1.41
C SER B 11 8.56 7.30 -0.60
N GLY B 12 8.91 7.92 0.52
CA GLY B 12 9.97 7.40 1.37
C GLY B 12 9.63 6.05 1.98
N ILE B 16 6.10 22.58 5.80
CA ILE B 16 7.17 21.56 5.63
C ILE B 16 7.97 21.80 4.34
N VAL B 17 9.29 22.00 4.49
CA VAL B 17 10.17 22.21 3.36
C VAL B 17 10.59 20.87 2.75
N ASN B 18 10.51 20.78 1.43
CA ASN B 18 10.85 19.57 0.68
C ASN B 18 10.00 18.36 1.05
N GLY B 19 8.72 18.61 1.35
CA GLY B 19 7.81 17.52 1.66
C GLY B 19 7.06 17.20 0.39
N GLU B 20 5.92 16.53 0.51
CA GLU B 20 5.12 16.18 -0.66
C GLU B 20 3.63 16.26 -0.33
N GLU B 21 2.82 16.46 -1.36
CA GLU B 21 1.38 16.56 -1.21
C GLU B 21 0.85 15.20 -0.79
N ALA B 22 -0.02 15.20 0.21
CA ALA B 22 -0.58 13.96 0.70
C ALA B 22 -1.85 13.58 -0.05
N VAL B 23 -2.25 12.32 0.11
CA VAL B 23 -3.47 11.83 -0.51
C VAL B 23 -4.58 12.45 0.32
N PRO B 24 -5.54 13.13 -0.33
CA PRO B 24 -6.65 13.75 0.40
C PRO B 24 -7.28 12.80 1.41
N GLY B 25 -7.46 13.29 2.64
CA GLY B 25 -8.08 12.49 3.68
C GLY B 25 -7.28 11.35 4.29
N SER B 26 -6.03 11.17 3.86
CA SER B 26 -5.21 10.07 4.39
C SER B 26 -4.64 10.30 5.80
N TRP B 27 -4.76 11.51 6.32
CA TRP B 27 -4.29 11.84 7.68
C TRP B 27 -5.49 12.50 8.37
N PRO B 28 -6.54 11.69 8.64
CA PRO B 28 -7.82 12.03 9.27
C PRO B 28 -7.84 12.76 10.61
N TRP B 29 -6.76 12.68 11.38
CA TRP B 29 -6.69 13.35 12.67
C TRP B 29 -6.14 14.76 12.61
N GLN B 30 -5.56 15.13 11.46
CA GLN B 30 -5.00 16.47 11.27
C GLN B 30 -6.10 17.52 11.26
N VAL B 31 -5.98 18.50 12.14
CA VAL B 31 -6.95 19.58 12.17
C VAL B 31 -6.20 20.89 12.01
N SER B 32 -6.95 21.95 11.72
CA SER B 32 -6.37 23.27 11.55
C SER B 32 -7.00 24.20 12.59
N LEU B 33 -6.17 24.98 13.28
CA LEU B 33 -6.68 25.91 14.29
C LEU B 33 -6.74 27.30 13.66
N GLN B 34 -7.91 27.91 13.69
CA GLN B 34 -8.11 29.22 13.09
C GLN B 34 -8.64 30.27 14.07
N ASP B 35 -8.26 31.52 13.84
CA ASP B 35 -8.70 32.62 14.69
C ASP B 35 -10.05 33.13 14.20
N LYS B 36 -10.52 34.22 14.79
CA LYS B 36 -11.81 34.80 14.41
C LYS B 36 -11.85 35.21 12.94
N THR B 37 -10.73 35.71 12.42
CA THR B 37 -10.66 36.15 11.03
C THR B 37 -10.62 35.00 10.03
N GLY B 38 -10.49 33.76 10.52
CA GLY B 38 -10.44 32.61 9.64
C GLY B 38 -9.01 32.29 9.22
N PHE B 39 -8.05 32.86 9.94
CA PHE B 39 -6.62 32.66 9.66
C PHE B 39 -6.09 31.41 10.38
N HIS B 40 -5.45 30.53 9.62
CA HIS B 40 -4.85 29.30 10.15
C HIS B 40 -3.54 29.68 10.85
N PHE B 41 -3.44 29.45 12.15
CA PHE B 41 -2.19 29.79 12.84
C PHE B 41 -1.43 28.58 13.39
N CYS B 42 -2.12 27.46 13.56
CA CYS B 42 -1.47 26.26 14.08
C CYS B 42 -2.20 24.99 13.66
N GLY B 43 -1.54 23.86 13.82
CA GLY B 43 -2.14 22.58 13.48
C GLY B 43 -2.49 21.88 14.80
N GLY B 44 -3.08 20.69 14.71
CA GLY B 44 -3.43 19.93 15.90
C GLY B 44 -3.83 18.51 15.52
N SER B 45 -4.06 17.67 16.53
CA SER B 45 -4.46 16.28 16.30
C SER B 45 -5.66 15.88 17.16
N LEU B 46 -6.62 15.19 16.54
CA LEU B 46 -7.80 14.69 17.24
C LEU B 46 -7.40 13.39 17.95
N ILE B 47 -7.78 13.24 19.23
CA ILE B 47 -7.46 12.02 19.96
C ILE B 47 -8.73 11.21 20.25
N ASN B 48 -9.88 11.85 20.01
CA ASN B 48 -11.21 11.24 20.13
C ASN B 48 -12.18 12.31 19.63
N GLU B 49 -13.48 12.01 19.61
CA GLU B 49 -14.43 12.99 19.08
C GLU B 49 -14.66 14.28 19.86
N ASN B 50 -14.14 14.38 21.08
CA ASN B 50 -14.33 15.60 21.88
C ASN B 50 -13.04 16.29 22.31
N TRP B 51 -11.90 15.73 21.93
CA TRP B 51 -10.63 16.33 22.33
C TRP B 51 -9.57 16.45 21.25
N VAL B 52 -8.84 17.55 21.30
CA VAL B 52 -7.76 17.87 20.37
C VAL B 52 -6.49 18.21 21.14
N VAL B 53 -5.34 17.72 20.67
CA VAL B 53 -4.08 18.05 21.33
C VAL B 53 -3.26 18.93 20.39
N THR B 54 -2.60 19.92 20.96
CA THR B 54 -1.79 20.85 20.19
C THR B 54 -0.69 21.38 21.09
N ALA B 55 0.07 22.36 20.60
CA ALA B 55 1.16 22.95 21.38
C ALA B 55 0.70 24.08 22.28
N ALA B 56 1.29 24.17 23.47
CA ALA B 56 0.95 25.23 24.42
C ALA B 56 1.36 26.60 23.88
N HIS B 57 2.48 26.68 23.18
CA HIS B 57 2.91 27.97 22.66
C HIS B 57 2.01 28.54 21.56
N CYS B 58 1.06 27.75 21.05
CA CYS B 58 0.18 28.30 20.02
C CYS B 58 -0.78 29.33 20.61
N GLY B 59 -0.91 29.33 21.94
CA GLY B 59 -1.78 30.29 22.60
C GLY B 59 -3.25 30.27 22.21
N VAL B 60 -3.83 29.07 22.12
CA VAL B 60 -5.23 28.92 21.75
C VAL B 60 -6.17 29.42 22.85
N THR B 61 -7.27 30.05 22.46
CA THR B 61 -8.27 30.55 23.41
C THR B 61 -9.62 29.95 23.06
N THR B 62 -10.59 30.09 23.97
CA THR B 62 -11.93 29.56 23.73
C THR B 62 -12.66 30.30 22.60
N SER B 63 -12.01 31.30 22.01
CA SER B 63 -12.62 32.06 20.92
C SER B 63 -12.10 31.61 19.56
N ASP B 64 -11.21 30.63 19.55
CA ASP B 64 -10.65 30.10 18.32
C ASP B 64 -11.48 28.94 17.82
N VAL B 65 -11.26 28.53 16.57
CA VAL B 65 -12.04 27.46 15.97
C VAL B 65 -11.19 26.29 15.45
N VAL B 66 -11.73 25.08 15.62
CA VAL B 66 -11.07 23.86 15.17
C VAL B 66 -11.71 23.40 13.86
N VAL B 67 -10.91 23.25 12.82
CA VAL B 67 -11.44 22.80 11.53
C VAL B 67 -10.94 21.39 11.25
N ALA B 68 -11.88 20.46 11.05
CA ALA B 68 -11.53 19.06 10.78
C ALA B 68 -12.01 18.59 9.40
N GLY B 69 -11.30 17.59 8.86
CA GLY B 69 -11.64 17.02 7.56
C GLY B 69 -11.23 17.84 6.35
N GLU B 70 -10.23 18.69 6.53
CA GLU B 70 -9.77 19.57 5.46
C GLU B 70 -8.53 19.05 4.72
N PHE B 71 -8.46 19.34 3.42
CA PHE B 71 -7.29 18.95 2.63
C PHE B 71 -6.76 20.21 1.93
N ASP B 72 -7.62 20.84 1.15
CA ASP B 72 -7.27 22.04 0.41
C ASP B 72 -7.90 23.28 1.06
N GLN B 73 -7.05 24.08 1.73
CA GLN B 73 -7.53 25.27 2.43
C GLN B 73 -8.09 26.37 1.54
N GLY B 74 -7.93 26.25 0.22
CA GLY B 74 -8.47 27.25 -0.67
C GLY B 74 -9.79 26.82 -1.28
N SER B 75 -10.19 25.58 -1.00
CA SER B 75 -11.42 25.04 -1.54
C SER B 75 -12.63 25.39 -0.68
N SER B 76 -13.81 25.30 -1.27
CA SER B 76 -15.05 25.59 -0.55
C SER B 76 -16.05 24.46 -0.81
N SER B 77 -15.57 23.38 -1.40
CA SER B 77 -16.43 22.24 -1.72
C SER B 77 -16.09 20.97 -0.95
N GLU B 78 -15.35 21.10 0.16
CA GLU B 78 -15.00 19.95 0.97
C GLU B 78 -15.99 19.83 2.13
N LYS B 79 -16.23 18.62 2.61
CA LYS B 79 -17.14 18.44 3.72
C LYS B 79 -16.36 18.61 5.03
N ILE B 80 -16.16 19.85 5.43
CA ILE B 80 -15.42 20.14 6.65
C ILE B 80 -16.32 20.35 7.85
N GLN B 81 -15.72 20.33 9.03
CA GLN B 81 -16.46 20.54 10.27
C GLN B 81 -15.76 21.64 11.07
N LYS B 82 -16.46 22.72 11.34
CA LYS B 82 -15.91 23.83 12.14
C LYS B 82 -16.42 23.64 13.56
N LEU B 83 -15.51 23.26 14.45
CA LEU B 83 -15.87 22.99 15.83
C LEU B 83 -15.45 24.07 16.84
N LYS B 84 -16.34 24.35 17.78
CA LYS B 84 -16.08 25.34 18.82
C LYS B 84 -15.37 24.73 20.01
N ILE B 85 -14.62 25.57 20.72
CA ILE B 85 -13.86 25.14 21.88
C ILE B 85 -14.58 25.48 23.18
N ALA B 86 -14.80 24.47 24.02
CA ALA B 86 -15.48 24.69 25.29
C ALA B 86 -14.50 25.12 26.38
N LYS B 87 -13.37 24.43 26.47
CA LYS B 87 -12.37 24.77 27.49
C LYS B 87 -10.95 24.44 27.05
N VAL B 88 -10.01 25.29 27.48
CA VAL B 88 -8.60 25.13 27.16
C VAL B 88 -7.81 24.68 28.39
N PHE B 89 -7.10 23.56 28.25
CA PHE B 89 -6.29 23.03 29.34
C PHE B 89 -4.80 23.08 28.98
N LYS B 90 -4.12 24.14 29.41
CA LYS B 90 -2.69 24.25 29.14
C LYS B 90 -1.93 23.53 30.26
N ASN B 91 -0.93 22.75 29.88
CA ASN B 91 -0.12 22.02 30.86
C ASN B 91 0.46 23.03 31.86
N SER B 92 0.19 22.83 33.14
CA SER B 92 0.68 23.76 34.15
C SER B 92 2.20 23.89 34.12
N LYS B 93 2.90 22.80 33.82
CA LYS B 93 4.36 22.82 33.77
C LYS B 93 5.00 23.52 32.58
N TYR B 94 4.20 23.95 31.61
CA TYR B 94 4.74 24.62 30.43
C TYR B 94 5.69 25.74 30.84
N ASN B 95 6.83 25.83 30.18
CA ASN B 95 7.81 26.87 30.47
C ASN B 95 7.96 27.74 29.23
N SER B 96 7.48 28.98 29.31
CA SER B 96 7.55 29.90 28.18
C SER B 96 8.97 30.35 27.82
N LEU B 97 9.93 30.10 28.69
CA LEU B 97 11.30 30.51 28.41
C LEU B 97 12.04 29.45 27.61
N THR B 98 11.92 28.21 28.05
CA THR B 98 12.58 27.09 27.40
C THR B 98 11.68 26.32 26.43
N ILE B 99 10.41 26.70 26.37
CA ILE B 99 9.43 26.05 25.50
C ILE B 99 9.37 24.55 25.84
N ASN B 100 9.48 24.23 27.13
CA ASN B 100 9.43 22.84 27.57
C ASN B 100 8.02 22.46 28.05
N ASN B 101 7.65 21.19 27.87
CA ASN B 101 6.32 20.71 28.26
C ASN B 101 5.30 21.47 27.41
N ASP B 102 5.64 21.62 26.13
CA ASP B 102 4.84 22.36 25.16
C ASP B 102 3.59 21.61 24.68
N ILE B 103 2.61 21.48 25.56
CA ILE B 103 1.39 20.76 25.19
C ILE B 103 0.11 21.35 25.80
N THR B 104 -0.94 21.42 25.00
CA THR B 104 -2.24 21.93 25.41
C THR B 104 -3.35 21.02 24.89
N LEU B 105 -4.38 20.82 25.72
CA LEU B 105 -5.53 20.00 25.35
C LEU B 105 -6.75 20.90 25.14
N LEU B 106 -7.55 20.57 24.14
CA LEU B 106 -8.74 21.36 23.83
C LEU B 106 -9.99 20.50 23.90
N LYS B 107 -10.95 20.89 24.73
CA LYS B 107 -12.21 20.17 24.84
C LYS B 107 -13.21 20.93 23.97
N LEU B 108 -13.78 20.23 22.98
CA LEU B 108 -14.73 20.82 22.05
C LEU B 108 -16.12 20.94 22.68
N SER B 109 -16.87 21.97 22.29
CA SER B 109 -18.21 22.14 22.83
C SER B 109 -19.16 21.24 22.05
N THR B 110 -18.74 20.86 20.85
CA THR B 110 -19.54 19.97 20.00
C THR B 110 -18.64 18.86 19.48
N ALA B 111 -19.05 17.63 19.70
CA ALA B 111 -18.28 16.47 19.26
C ALA B 111 -18.15 16.40 17.74
N ALA B 112 -17.01 15.91 17.28
CA ALA B 112 -16.76 15.77 15.86
C ALA B 112 -17.45 14.50 15.38
N SER B 113 -17.89 14.50 14.13
CA SER B 113 -18.54 13.32 13.56
C SER B 113 -17.48 12.54 12.77
N PHE B 114 -17.03 11.42 13.30
CA PHE B 114 -16.02 10.63 12.62
C PHE B 114 -16.54 10.00 11.34
N SER B 115 -15.69 9.95 10.32
CA SER B 115 -16.03 9.40 9.03
C SER B 115 -14.76 8.93 8.33
N GLN B 116 -14.82 8.85 7.00
CA GLN B 116 -13.67 8.42 6.22
C GLN B 116 -12.52 9.43 6.27
N THR B 117 -12.85 10.70 6.42
CA THR B 117 -11.85 11.76 6.44
C THR B 117 -11.61 12.39 7.81
N VAL B 118 -12.30 11.88 8.83
CA VAL B 118 -12.17 12.41 10.17
C VAL B 118 -12.18 11.29 11.22
N SER B 119 -11.04 11.08 11.88
CA SER B 119 -10.90 10.06 12.90
C SER B 119 -9.70 10.38 13.79
N ALA B 120 -9.46 9.55 14.80
CA ALA B 120 -8.38 9.80 15.76
C ALA B 120 -7.07 9.06 15.58
N VAL B 121 -6.02 9.68 16.14
CA VAL B 121 -4.67 9.12 16.14
C VAL B 121 -4.50 8.45 17.50
N CYS B 122 -3.62 7.46 17.61
CA CYS B 122 -3.41 6.78 18.88
C CYS B 122 -2.40 7.49 19.77
N LEU B 123 -2.55 7.32 21.08
CA LEU B 123 -1.63 7.89 22.05
C LEU B 123 -0.74 6.75 22.54
N PRO B 124 0.54 7.04 22.80
CA PRO B 124 1.47 6.00 23.27
C PRO B 124 1.29 5.79 24.77
N SER B 125 2.00 4.80 25.31
CA SER B 125 1.95 4.53 26.74
C SER B 125 3.19 5.23 27.27
N ALA B 126 3.15 5.63 28.54
CA ALA B 126 4.27 6.33 29.14
C ALA B 126 5.60 5.58 29.00
N SER B 127 5.53 4.26 28.86
CA SER B 127 6.76 3.47 28.76
C SER B 127 7.17 3.07 27.36
N ASP B 128 6.41 3.48 26.34
CA ASP B 128 6.80 3.14 24.98
C ASP B 128 8.17 3.70 24.65
N ASP B 129 8.90 2.99 23.79
CA ASP B 129 10.23 3.39 23.40
C ASP B 129 10.38 3.40 21.89
N PHE B 130 10.60 4.57 21.32
CA PHE B 130 10.79 4.69 19.88
C PHE B 130 12.25 5.01 19.65
N ALA B 131 12.99 4.02 19.16
CA ALA B 131 14.43 4.12 18.92
C ALA B 131 14.89 5.17 17.92
N ALA B 132 16.08 5.70 18.16
CA ALA B 132 16.67 6.68 17.27
C ALA B 132 16.85 5.98 15.93
N GLY B 133 16.57 6.69 14.83
CA GLY B 133 16.72 6.09 13.53
C GLY B 133 15.40 5.60 12.95
N THR B 134 14.39 5.45 13.81
CA THR B 134 13.09 5.00 13.35
C THR B 134 12.55 6.06 12.40
N THR B 135 11.95 5.62 11.29
CA THR B 135 11.41 6.54 10.31
C THR B 135 9.96 6.85 10.67
N CYS B 136 9.66 8.12 10.87
CA CYS B 136 8.31 8.53 11.22
C CYS B 136 7.83 9.60 10.21
N VAL B 137 6.67 10.19 10.46
CA VAL B 137 6.12 11.18 9.55
C VAL B 137 5.55 12.40 10.25
N THR B 138 5.62 13.55 9.59
CA THR B 138 5.03 14.78 10.14
C THR B 138 4.22 15.42 9.02
N THR B 139 3.09 16.04 9.37
CA THR B 139 2.21 16.66 8.37
C THR B 139 1.81 18.09 8.75
N GLY B 140 1.37 18.86 7.76
CA GLY B 140 0.95 20.23 8.05
C GLY B 140 0.89 21.16 6.84
N TRP B 141 0.37 22.37 7.07
CA TRP B 141 0.24 23.38 6.03
C TRP B 141 1.26 24.50 6.17
N GLY B 142 2.40 24.20 6.78
CA GLY B 142 3.42 25.21 6.94
C GLY B 142 4.15 25.56 5.65
N LEU B 143 4.96 26.61 5.69
CA LEU B 143 5.72 27.06 4.53
C LEU B 143 6.47 25.91 3.89
N THR B 144 6.50 25.89 2.55
CA THR B 144 7.20 24.85 1.81
C THR B 144 8.53 25.40 1.29
N ARG B 145 8.73 26.70 1.46
CA ARG B 145 9.96 27.39 1.05
C ARG B 145 10.04 28.67 1.86
N TYR B 146 11.17 28.88 2.53
CA TYR B 146 11.37 30.06 3.36
C TYR B 146 11.45 31.34 2.53
N ASN B 150 6.37 30.56 0.29
CA ASN B 150 5.19 29.88 -0.30
C ASN B 150 4.38 29.08 0.72
N THR B 151 3.11 29.45 0.87
CA THR B 151 2.21 28.76 1.79
C THR B 151 1.35 27.83 0.93
N PRO B 152 1.35 26.52 1.24
CA PRO B 152 0.57 25.56 0.46
C PRO B 152 -0.93 25.55 0.73
N ASP B 153 -1.70 25.29 -0.33
CA ASP B 153 -3.15 25.19 -0.25
C ASP B 153 -3.47 23.81 0.33
N ARG B 154 -2.73 22.81 -0.16
CA ARG B 154 -2.95 21.42 0.22
C ARG B 154 -1.99 20.84 1.27
N LEU B 155 -2.50 19.91 2.05
CA LEU B 155 -1.75 19.26 3.12
C LEU B 155 -0.49 18.55 2.63
N GLN B 156 0.63 18.85 3.27
CA GLN B 156 1.93 18.26 2.93
C GLN B 156 2.33 17.22 3.99
N GLN B 157 3.18 16.28 3.58
CA GLN B 157 3.67 15.23 4.47
C GLN B 157 5.16 15.04 4.19
N ALA B 158 5.86 14.43 5.15
CA ALA B 158 7.29 14.18 4.99
C ALA B 158 7.72 13.07 5.94
N SER B 159 8.58 12.19 5.46
CA SER B 159 9.11 11.10 6.28
C SER B 159 10.44 11.61 6.82
N LEU B 160 10.74 11.28 8.07
CA LEU B 160 11.99 11.72 8.68
C LEU B 160 12.36 10.80 9.85
N PRO B 161 13.67 10.70 10.16
CA PRO B 161 14.13 9.84 11.25
C PRO B 161 14.20 10.54 12.61
N LEU B 162 14.00 9.77 13.67
CA LEU B 162 14.08 10.27 15.04
C LEU B 162 15.55 10.28 15.44
N LEU B 163 15.97 11.28 16.21
CA LEU B 163 17.35 11.33 16.69
C LEU B 163 17.32 11.05 18.18
N SER B 164 18.48 10.79 18.77
CA SER B 164 18.56 10.57 20.20
C SER B 164 18.87 11.95 20.77
N ASN B 165 18.40 12.23 21.99
CA ASN B 165 18.66 13.54 22.58
C ASN B 165 20.15 13.86 22.65
N THR B 166 20.98 12.83 22.86
CA THR B 166 22.42 13.04 22.93
C THR B 166 22.92 13.64 21.61
N ASN B 167 22.45 13.09 20.50
CA ASN B 167 22.86 13.58 19.18
C ASN B 167 22.24 14.93 18.86
N CYS B 168 21.05 15.19 19.39
CA CYS B 168 20.40 16.46 19.13
C CYS B 168 21.14 17.60 19.82
N LYS B 169 21.71 17.31 20.98
CA LYS B 169 22.45 18.31 21.74
C LYS B 169 23.67 18.81 20.97
N LYS B 170 24.20 17.99 20.07
CA LYS B 170 25.35 18.39 19.27
C LYS B 170 24.94 19.56 18.40
N TYR B 171 23.62 19.71 18.20
CA TYR B 171 23.09 20.79 17.38
C TYR B 171 22.53 21.91 18.26
N TRP B 172 21.79 21.55 19.30
CA TRP B 172 21.16 22.56 20.15
C TRP B 172 21.64 22.70 21.59
N GLY B 173 22.47 21.76 22.04
CA GLY B 173 23.01 21.82 23.39
C GLY B 173 22.03 21.77 24.55
N THR B 174 22.26 22.63 25.55
CA THR B 174 21.42 22.68 26.74
C THR B 174 19.98 23.14 26.46
N LYS B 175 19.69 23.50 25.23
CA LYS B 175 18.34 23.93 24.85
C LYS B 175 17.42 22.70 24.81
N ILE B 176 18.03 21.53 24.75
CA ILE B 176 17.27 20.28 24.68
C ILE B 176 16.98 19.69 26.06
N LYS B 177 15.70 19.59 26.40
CA LYS B 177 15.26 19.05 27.69
C LYS B 177 14.75 17.62 27.52
N ASP B 178 14.55 16.93 28.64
CA ASP B 178 14.06 15.56 28.60
C ASP B 178 12.70 15.43 27.95
N ALA B 179 11.83 16.43 28.17
CA ALA B 179 10.48 16.41 27.61
C ALA B 179 10.42 16.85 26.14
N MET B 180 11.54 16.72 25.44
CA MET B 180 11.65 17.07 24.03
C MET B 180 12.24 15.89 23.25
N ILE B 181 11.99 15.87 21.94
CA ILE B 181 12.52 14.84 21.05
C ILE B 181 12.76 15.50 19.70
N CYS B 182 13.87 15.13 19.05
CA CYS B 182 14.22 15.71 17.75
C CYS B 182 14.04 14.73 16.58
N ALA B 183 13.87 15.29 15.39
CA ALA B 183 13.70 14.50 14.18
C ALA B 183 14.09 15.39 13.00
N GLY B 184 14.58 14.77 11.92
CA GLY B 184 14.95 15.56 10.76
C GLY B 184 16.43 15.65 10.47
N ALA B 185 16.86 16.82 9.99
CA ALA B 185 18.25 17.07 9.61
C ALA B 185 18.59 16.06 8.52
N SER B 186 17.57 15.67 7.77
CA SER B 186 17.71 14.68 6.71
C SER B 186 17.23 15.14 5.33
N GLY B 187 17.12 16.44 5.12
CA GLY B 187 16.67 16.92 3.82
C GLY B 187 15.32 17.60 3.83
N VAL B 188 14.58 17.47 4.93
CA VAL B 188 13.28 18.09 5.07
C VAL B 188 13.26 18.91 6.37
N SER B 189 12.21 19.70 6.57
CA SER B 189 12.12 20.52 7.77
C SER B 189 10.74 21.11 8.03
N SER B 190 10.33 21.07 9.30
CA SER B 190 9.05 21.65 9.69
C SER B 190 9.31 23.14 9.52
N CYS B 191 8.27 23.93 9.31
CA CYS B 191 8.48 25.35 9.11
C CYS B 191 7.28 26.16 9.62
N MET B 192 7.35 27.49 9.51
CA MET B 192 6.27 28.36 9.97
C MET B 192 4.88 27.90 9.53
N GLY B 193 3.99 27.69 10.50
CA GLY B 193 2.65 27.24 10.21
C GLY B 193 2.42 25.78 10.56
N ASP B 194 3.51 25.05 10.81
CA ASP B 194 3.43 23.63 11.16
C ASP B 194 3.23 23.39 12.66
N SER B 195 3.54 24.40 13.48
CA SER B 195 3.41 24.29 14.94
C SER B 195 2.12 23.64 15.44
N GLY B 196 2.25 22.79 16.45
CA GLY B 196 1.10 22.12 17.02
C GLY B 196 0.69 20.86 16.29
N GLY B 197 1.28 20.65 15.12
CA GLY B 197 0.98 19.49 14.30
C GLY B 197 1.57 18.17 14.79
N PRO B 198 1.21 17.05 14.15
CA PRO B 198 1.71 15.75 14.58
C PRO B 198 3.02 15.22 13.99
N LEU B 199 3.66 14.38 14.78
CA LEU B 199 4.87 13.64 14.42
C LEU B 199 4.40 12.23 14.81
N VAL B 200 4.09 11.39 13.83
CA VAL B 200 3.59 10.06 14.11
C VAL B 200 4.51 8.92 13.65
N CYS B 201 4.51 7.84 14.42
CA CYS B 201 5.29 6.64 14.10
C CYS B 201 4.35 5.46 14.28
N LYS B 202 4.62 4.36 13.59
CA LYS B 202 3.78 3.18 13.72
C LYS B 202 4.13 2.32 14.92
N LYS B 203 3.11 1.86 15.62
CA LYS B 203 3.30 1.00 16.78
C LYS B 203 2.29 -0.11 16.62
N ASN B 204 2.77 -1.29 16.29
CA ASN B 204 1.91 -2.45 16.09
C ASN B 204 0.88 -2.16 15.00
N GLY B 205 1.36 -1.64 13.87
CA GLY B 205 0.50 -1.34 12.75
C GLY B 205 -0.37 -0.10 12.81
N ALA B 206 -0.33 0.64 13.92
CA ALA B 206 -1.17 1.83 14.02
C ALA B 206 -0.33 3.10 14.21
N TRP B 207 -0.74 4.19 13.56
CA TRP B 207 -0.02 5.45 13.70
C TRP B 207 -0.23 5.99 15.11
N THR B 208 0.88 6.34 15.75
CA THR B 208 0.84 6.83 17.13
C THR B 208 1.58 8.15 17.29
N LEU B 209 0.95 9.07 18.02
CA LEU B 209 1.51 10.40 18.26
C LEU B 209 2.70 10.34 19.18
N VAL B 210 3.90 10.60 18.67
CA VAL B 210 5.08 10.58 19.52
C VAL B 210 5.66 11.99 19.67
N GLY B 211 5.24 12.89 18.78
CA GLY B 211 5.74 14.26 18.85
C GLY B 211 4.73 15.33 18.43
N ILE B 212 4.96 16.56 18.89
CA ILE B 212 4.12 17.72 18.57
C ILE B 212 5.08 18.81 18.08
N VAL B 213 4.86 19.32 16.87
CA VAL B 213 5.73 20.34 16.30
C VAL B 213 5.86 21.53 17.28
N SER B 214 7.08 21.75 17.77
CA SER B 214 7.35 22.80 18.75
C SER B 214 8.23 23.95 18.27
N TRP B 215 9.48 23.66 17.90
CA TRP B 215 10.39 24.69 17.41
C TRP B 215 11.56 24.14 16.62
N GLY B 216 12.31 25.03 15.97
CA GLY B 216 13.46 24.64 15.18
C GLY B 216 14.14 25.82 14.52
N SER B 217 15.03 25.53 13.57
CA SER B 217 15.78 26.55 12.83
C SER B 217 14.87 27.66 12.33
N SER B 218 15.31 28.91 12.49
CA SER B 218 14.50 30.06 12.06
C SER B 218 14.42 30.17 10.54
N THR B 219 15.26 29.43 9.84
CA THR B 219 15.25 29.47 8.38
C THR B 219 14.79 28.14 7.81
N CYS B 220 14.36 27.24 8.69
CA CYS B 220 13.88 25.93 8.27
C CYS B 220 14.95 25.15 7.50
N SER B 221 16.18 25.21 8.02
CA SER B 221 17.31 24.51 7.42
C SER B 221 17.01 23.02 7.35
N THR B 222 17.27 22.41 6.20
CA THR B 222 17.01 20.99 6.03
C THR B 222 18.12 20.11 6.60
N SER B 223 19.19 20.73 7.08
CA SER B 223 20.31 19.96 7.63
C SER B 223 20.35 20.03 9.16
N THR B 224 19.38 20.74 9.74
CA THR B 224 19.27 20.89 11.18
C THR B 224 18.01 20.13 11.67
N PRO B 225 18.08 19.51 12.85
CA PRO B 225 16.91 18.78 13.36
C PRO B 225 15.84 19.68 13.97
N GLY B 226 14.58 19.28 13.80
CA GLY B 226 13.48 20.03 14.38
C GLY B 226 13.23 19.51 15.78
N VAL B 227 12.62 20.32 16.63
CA VAL B 227 12.33 19.89 18.00
C VAL B 227 10.84 19.75 18.24
N TYR B 228 10.46 18.67 18.91
CA TYR B 228 9.04 18.39 19.17
C TYR B 228 8.80 18.07 20.64
N ALA B 229 7.57 18.26 21.09
CA ALA B 229 7.23 17.91 22.48
C ALA B 229 7.16 16.39 22.50
N ARG B 230 7.80 15.76 23.49
CA ARG B 230 7.83 14.30 23.60
C ARG B 230 6.59 13.76 24.32
N VAL B 231 5.63 13.25 23.55
CA VAL B 231 4.38 12.76 24.11
C VAL B 231 4.50 11.71 25.23
N THR B 232 5.40 10.74 25.11
CA THR B 232 5.52 9.72 26.17
C THR B 232 5.76 10.36 27.54
N ALA B 233 6.48 11.47 27.56
CA ALA B 233 6.76 12.16 28.80
C ALA B 233 5.56 12.99 29.28
N LEU B 234 4.54 13.10 28.43
CA LEU B 234 3.36 13.90 28.77
C LEU B 234 2.02 13.16 28.76
N VAL B 235 1.99 11.92 28.28
CA VAL B 235 0.73 11.17 28.24
C VAL B 235 0.03 10.97 29.58
N ASN B 236 0.79 10.85 30.67
CA ASN B 236 0.16 10.68 31.98
C ASN B 236 -0.71 11.88 32.32
N TRP B 237 -0.23 13.07 31.99
CA TRP B 237 -1.00 14.29 32.25
C TRP B 237 -2.25 14.26 31.39
N VAL B 238 -2.09 13.86 30.13
CA VAL B 238 -3.22 13.79 29.21
C VAL B 238 -4.32 12.88 29.73
N GLN B 239 -3.96 11.66 30.15
CA GLN B 239 -4.93 10.70 30.65
C GLN B 239 -5.67 11.17 31.90
N GLN B 240 -4.95 11.85 32.79
CA GLN B 240 -5.54 12.37 34.01
C GLN B 240 -6.57 13.43 33.66
N THR B 241 -6.22 14.30 32.73
CA THR B 241 -7.11 15.37 32.31
C THR B 241 -8.38 14.80 31.67
N LEU B 242 -8.22 13.76 30.86
CA LEU B 242 -9.37 13.15 30.20
C LEU B 242 -10.27 12.43 31.20
N ALA B 243 -9.66 11.83 32.21
CA ALA B 243 -10.42 11.09 33.21
C ALA B 243 -11.27 12.00 34.11
N ALA B 244 -10.76 13.19 34.40
CA ALA B 244 -11.45 14.14 35.25
C ALA B 244 -12.44 15.06 34.56
N ASN B 245 -12.47 15.03 33.23
CA ASN B 245 -13.37 15.90 32.49
C ASN B 245 -14.08 15.16 31.36
N CYS C 1 3.88 11.77 -7.51
CA CYS C 1 3.79 10.94 -8.75
C CYS C 1 4.63 9.69 -8.63
N GLY C 2 4.37 8.73 -9.52
CA GLY C 2 5.14 7.50 -9.56
C GLY C 2 5.13 6.49 -8.43
N VAL C 3 4.23 6.66 -7.46
CA VAL C 3 4.17 5.71 -6.36
C VAL C 3 2.77 5.12 -6.25
N PRO C 4 2.56 3.91 -6.80
CA PRO C 4 1.27 3.20 -6.80
C PRO C 4 0.81 2.80 -5.40
N ALA C 5 -0.48 2.97 -5.13
CA ALA C 5 -1.03 2.57 -3.84
C ALA C 5 -0.95 1.05 -3.79
N ILE C 6 -1.20 0.42 -4.93
CA ILE C 6 -1.15 -1.03 -5.05
C ILE C 6 0.19 -1.37 -5.72
N GLN C 7 1.14 -1.85 -4.93
CA GLN C 7 2.46 -2.17 -5.43
C GLN C 7 2.49 -3.29 -6.45
N PRO C 8 3.14 -3.05 -7.60
CA PRO C 8 3.22 -4.06 -8.64
C PRO C 8 4.19 -5.16 -8.22
N VAL C 9 3.98 -6.35 -8.74
CA VAL C 9 4.85 -7.48 -8.42
C VAL C 9 5.46 -7.91 -9.73
N LEU C 10 6.79 -7.83 -9.82
CA LEU C 10 7.50 -8.18 -11.04
C LEU C 10 8.45 -9.35 -10.85
N SER C 11 8.42 -10.27 -11.81
CA SER C 11 9.29 -11.44 -11.78
C SER C 11 10.27 -11.31 -12.94
N GLY C 12 11.44 -11.93 -12.79
CA GLY C 12 12.45 -11.86 -13.84
C GLY C 12 13.12 -10.50 -13.91
N ILE C 16 1.94 -7.24 -25.66
CA ILE C 16 3.23 -7.73 -25.11
C ILE C 16 3.36 -9.25 -25.24
N VAL C 17 4.40 -9.67 -25.95
CA VAL C 17 4.67 -11.09 -26.16
C VAL C 17 5.58 -11.64 -25.07
N ASN C 18 5.19 -12.80 -24.54
CA ASN C 18 5.93 -13.51 -23.50
C ASN C 18 6.07 -12.74 -22.18
N GLY C 19 5.07 -11.94 -21.86
CA GLY C 19 5.09 -11.18 -20.63
C GLY C 19 4.25 -11.86 -19.56
N GLU C 20 3.59 -11.09 -18.70
CA GLU C 20 2.75 -11.67 -17.67
C GLU C 20 1.65 -10.72 -17.22
N GLU C 21 0.60 -11.29 -16.64
CA GLU C 21 -0.53 -10.53 -16.14
C GLU C 21 -0.13 -9.67 -14.94
N ALA C 22 -0.52 -8.39 -14.96
CA ALA C 22 -0.18 -7.49 -13.87
C ALA C 22 -1.15 -7.62 -12.69
N VAL C 23 -0.74 -7.09 -11.53
CA VAL C 23 -1.60 -7.09 -10.35
C VAL C 23 -2.65 -6.01 -10.65
N PRO C 24 -3.95 -6.34 -10.50
CA PRO C 24 -5.00 -5.36 -10.78
C PRO C 24 -4.75 -4.00 -10.12
N GLY C 25 -4.74 -2.94 -10.93
CA GLY C 25 -4.53 -1.60 -10.42
C GLY C 25 -3.13 -1.18 -10.00
N SER C 26 -2.11 -2.01 -10.23
CA SER C 26 -0.73 -1.67 -9.84
C SER C 26 0.03 -0.75 -10.81
N TRP C 27 -0.61 -0.32 -11.89
CA TRP C 27 -0.01 0.61 -12.85
C TRP C 27 -1.10 1.65 -13.10
N PRO C 28 -1.45 2.41 -12.05
CA PRO C 28 -2.49 3.47 -12.03
C PRO C 28 -2.50 4.59 -13.07
N TRP C 29 -1.38 4.81 -13.75
CA TRP C 29 -1.33 5.87 -14.77
C TRP C 29 -1.71 5.36 -16.16
N GLN C 30 -1.70 4.04 -16.32
CA GLN C 30 -2.02 3.39 -17.60
C GLN C 30 -3.47 3.60 -18.00
N VAL C 31 -3.69 4.21 -19.15
CA VAL C 31 -5.06 4.41 -19.62
C VAL C 31 -5.23 3.71 -20.96
N SER C 32 -6.49 3.60 -21.38
CA SER C 32 -6.82 2.96 -22.64
C SER C 32 -7.52 4.01 -23.51
N LEU C 33 -7.11 4.12 -24.78
CA LEU C 33 -7.74 5.06 -25.68
C LEU C 33 -8.67 4.27 -26.59
N GLN C 34 -9.95 4.65 -26.59
CA GLN C 34 -10.94 3.94 -27.37
C GLN C 34 -11.73 4.85 -28.31
N ASP C 35 -12.30 4.25 -29.35
CA ASP C 35 -13.11 5.00 -30.31
C ASP C 35 -14.53 5.03 -29.78
N LYS C 36 -15.46 5.52 -30.60
CA LYS C 36 -16.86 5.60 -30.21
C LYS C 36 -17.43 4.22 -29.88
N THR C 37 -17.05 3.22 -30.66
CA THR C 37 -17.54 1.86 -30.48
C THR C 37 -16.99 1.18 -29.22
N GLY C 38 -15.98 1.79 -28.60
CA GLY C 38 -15.40 1.20 -27.42
C GLY C 38 -14.22 0.30 -27.77
N PHE C 39 -13.71 0.45 -28.98
CA PHE C 39 -12.57 -0.34 -29.45
C PHE C 39 -11.27 0.31 -28.97
N HIS C 40 -10.42 -0.47 -28.31
CA HIS C 40 -9.12 0.00 -27.82
C HIS C 40 -8.09 -0.01 -28.96
N PHE C 41 -7.53 1.16 -29.28
CA PHE C 41 -6.54 1.19 -30.36
C PHE C 41 -5.14 1.60 -29.92
N CYS C 42 -5.03 2.19 -28.73
CA CYS C 42 -3.74 2.64 -28.19
C CYS C 42 -3.76 2.78 -26.68
N GLY C 43 -2.57 2.86 -26.10
CA GLY C 43 -2.43 3.04 -24.67
C GLY C 43 -2.01 4.48 -24.41
N GLY C 44 -1.86 4.85 -23.14
CA GLY C 44 -1.45 6.19 -22.78
C GLY C 44 -1.12 6.28 -21.29
N SER C 45 -0.57 7.40 -20.85
CA SER C 45 -0.21 7.57 -19.46
C SER C 45 -0.66 8.92 -18.88
N LEU C 46 -1.15 8.89 -17.64
CA LEU C 46 -1.59 10.10 -16.95
C LEU C 46 -0.39 10.77 -16.29
N ILE C 47 -0.18 12.06 -16.56
CA ILE C 47 0.93 12.78 -15.93
C ILE C 47 0.41 13.73 -14.86
N ASN C 48 -0.92 13.88 -14.84
CA ASN C 48 -1.64 14.67 -13.83
C ASN C 48 -3.14 14.55 -14.10
N GLU C 49 -3.96 15.11 -13.21
CA GLU C 49 -5.41 15.02 -13.33
C GLU C 49 -6.04 15.49 -14.64
N ASN C 50 -5.37 16.37 -15.38
CA ASN C 50 -5.97 16.87 -16.62
C ASN C 50 -5.25 16.53 -17.91
N TRP C 51 -4.09 15.90 -17.83
CA TRP C 51 -3.33 15.58 -19.05
C TRP C 51 -2.85 14.14 -19.19
N VAL C 52 -2.91 13.64 -20.43
CA VAL C 52 -2.47 12.30 -20.78
C VAL C 52 -1.43 12.37 -21.90
N VAL C 53 -0.38 11.57 -21.80
CA VAL C 53 0.65 11.54 -22.84
C VAL C 53 0.54 10.23 -23.63
N THR C 54 0.67 10.31 -24.95
CA THR C 54 0.58 9.12 -25.80
C THR C 54 1.42 9.34 -27.07
N ALA C 55 1.34 8.41 -28.02
CA ALA C 55 2.09 8.52 -29.27
C ALA C 55 1.36 9.35 -30.32
N ALA C 56 2.11 10.12 -31.09
CA ALA C 56 1.53 10.95 -32.14
C ALA C 56 0.92 10.11 -33.25
N HIS C 57 1.52 8.97 -33.56
CA HIS C 57 0.99 8.13 -34.64
C HIS C 57 -0.34 7.46 -34.31
N CYS C 58 -0.81 7.57 -33.06
CA CYS C 58 -2.08 6.96 -32.70
C CYS C 58 -3.23 7.75 -33.34
N GLY C 59 -2.92 8.97 -33.79
CA GLY C 59 -3.91 9.81 -34.44
C GLY C 59 -5.18 10.04 -33.68
N VAL C 60 -5.05 10.34 -32.38
CA VAL C 60 -6.19 10.59 -31.51
C VAL C 60 -6.96 11.88 -31.89
N THR C 61 -8.29 11.83 -31.78
CA THR C 61 -9.13 13.00 -32.07
C THR C 61 -10.00 13.27 -30.85
N THR C 62 -10.74 14.38 -30.90
CA THR C 62 -11.62 14.77 -29.81
C THR C 62 -12.84 13.86 -29.73
N SER C 63 -13.04 13.03 -30.75
CA SER C 63 -14.17 12.10 -30.76
C SER C 63 -13.79 10.75 -30.15
N ASP C 64 -12.58 10.67 -29.58
CA ASP C 64 -12.10 9.45 -28.95
C ASP C 64 -12.22 9.61 -27.43
N VAL C 65 -12.11 8.51 -26.70
CA VAL C 65 -12.23 8.56 -25.25
C VAL C 65 -11.05 7.95 -24.49
N VAL C 66 -10.75 8.53 -23.34
CA VAL C 66 -9.68 8.07 -22.47
C VAL C 66 -10.31 7.28 -21.33
N VAL C 67 -9.89 6.03 -21.14
CA VAL C 67 -10.44 5.21 -20.05
C VAL C 67 -9.38 4.92 -18.98
N ALA C 68 -9.67 5.35 -17.75
CA ALA C 68 -8.75 5.13 -16.63
C ALA C 68 -9.30 4.13 -15.60
N GLY C 69 -8.40 3.53 -14.83
CA GLY C 69 -8.79 2.58 -13.81
C GLY C 69 -9.21 1.20 -14.30
N GLU C 70 -8.90 0.91 -15.56
CA GLU C 70 -9.28 -0.37 -16.15
C GLU C 70 -8.21 -1.46 -15.99
N PHE C 71 -8.68 -2.70 -15.87
CA PHE C 71 -7.78 -3.84 -15.75
C PHE C 71 -8.17 -4.94 -16.74
N ASP C 72 -9.41 -5.39 -16.64
CA ASP C 72 -9.95 -6.45 -17.49
C ASP C 72 -10.92 -5.85 -18.51
N GLN C 73 -10.50 -5.80 -19.77
CA GLN C 73 -11.36 -5.22 -20.81
C GLN C 73 -12.59 -6.03 -21.18
N GLY C 74 -12.70 -7.26 -20.68
CA GLY C 74 -13.87 -8.06 -20.98
C GLY C 74 -14.92 -7.92 -19.89
N SER C 75 -14.57 -7.22 -18.81
CA SER C 75 -15.48 -7.02 -17.69
C SER C 75 -16.46 -5.87 -17.91
N SER C 76 -17.61 -5.94 -17.24
CA SER C 76 -18.59 -4.88 -17.35
C SER C 76 -19.02 -4.44 -15.97
N SER C 77 -18.14 -4.65 -14.99
CA SER C 77 -18.42 -4.28 -13.61
C SER C 77 -17.24 -3.61 -12.89
N GLU C 78 -16.27 -3.11 -13.65
CA GLU C 78 -15.12 -2.43 -13.03
C GLU C 78 -15.45 -0.96 -12.78
N LYS C 79 -14.79 -0.36 -11.80
CA LYS C 79 -15.00 1.05 -11.49
C LYS C 79 -14.08 1.91 -12.34
N ILE C 80 -14.48 2.12 -13.60
CA ILE C 80 -13.68 2.89 -14.53
C ILE C 80 -14.18 4.31 -14.72
N GLN C 81 -13.36 5.12 -15.39
CA GLN C 81 -13.71 6.51 -15.67
C GLN C 81 -13.54 6.77 -17.16
N LYS C 82 -14.62 7.10 -17.85
CA LYS C 82 -14.55 7.41 -19.28
C LYS C 82 -14.44 8.93 -19.40
N LEU C 83 -13.27 9.40 -19.79
CA LEU C 83 -13.02 10.83 -19.89
C LEU C 83 -12.99 11.39 -21.32
N LYS C 84 -13.66 12.51 -21.52
CA LYS C 84 -13.70 13.16 -22.83
C LYS C 84 -12.48 14.04 -23.05
N ILE C 85 -12.05 14.10 -24.30
CA ILE C 85 -10.88 14.88 -24.67
C ILE C 85 -11.26 16.28 -25.17
N ALA C 86 -10.73 17.30 -24.50
CA ALA C 86 -11.00 18.68 -24.85
C ALA C 86 -10.17 19.16 -26.02
N LYS C 87 -8.90 18.78 -26.06
CA LYS C 87 -8.03 19.20 -27.15
C LYS C 87 -6.80 18.32 -27.33
N VAL C 88 -6.40 18.13 -28.59
CA VAL C 88 -5.22 17.30 -28.91
C VAL C 88 -4.02 18.16 -29.33
N PHE C 89 -2.88 17.91 -28.69
CA PHE C 89 -1.66 18.65 -29.02
C PHE C 89 -0.58 17.72 -29.57
N LYS C 90 -0.48 17.67 -30.90
CA LYS C 90 0.51 16.84 -31.58
C LYS C 90 1.81 17.63 -31.74
N ASN C 91 2.94 17.01 -31.42
CA ASN C 91 4.23 17.67 -31.54
C ASN C 91 4.49 18.11 -32.99
N SER C 92 4.69 19.41 -33.17
CA SER C 92 4.93 19.96 -34.50
C SER C 92 6.09 19.31 -35.25
N LYS C 93 7.09 18.80 -34.53
CA LYS C 93 8.23 18.16 -35.17
C LYS C 93 8.00 16.71 -35.57
N TYR C 94 6.80 16.18 -35.31
CA TYR C 94 6.52 14.79 -35.67
C TYR C 94 6.68 14.55 -37.16
N ASN C 95 7.42 13.50 -37.51
CA ASN C 95 7.65 13.13 -38.90
C ASN C 95 6.96 11.80 -39.15
N SER C 96 5.95 11.80 -40.00
CA SER C 96 5.18 10.60 -40.33
C SER C 96 5.91 9.57 -41.18
N LEU C 97 7.07 9.93 -41.73
CA LEU C 97 7.83 8.99 -42.55
C LEU C 97 8.91 8.26 -41.74
N THR C 98 9.46 8.93 -40.74
CA THR C 98 10.50 8.33 -39.93
C THR C 98 9.96 7.91 -38.56
N ILE C 99 8.79 8.44 -38.21
CA ILE C 99 8.13 8.18 -36.93
C ILE C 99 8.94 8.82 -35.79
N ASN C 100 9.63 9.92 -36.10
CA ASN C 100 10.45 10.58 -35.09
C ASN C 100 9.66 11.65 -34.34
N ASN C 101 10.01 11.88 -33.08
CA ASN C 101 9.31 12.86 -32.24
C ASN C 101 7.86 12.42 -32.12
N ASP C 102 7.69 11.12 -31.87
CA ASP C 102 6.37 10.48 -31.76
C ASP C 102 5.66 10.76 -30.43
N ILE C 103 5.10 11.95 -30.26
CA ILE C 103 4.42 12.26 -29.01
C ILE C 103 3.26 13.24 -29.18
N THR C 104 2.20 13.02 -28.42
CA THR C 104 1.02 13.86 -28.45
C THR C 104 0.47 14.02 -27.04
N LEU C 105 -0.01 15.22 -26.72
CA LEU C 105 -0.58 15.49 -25.40
C LEU C 105 -2.08 15.59 -25.52
N LEU C 106 -2.79 15.05 -24.55
CA LEU C 106 -4.25 15.09 -24.54
C LEU C 106 -4.75 15.88 -23.33
N LYS C 107 -5.50 16.95 -23.59
CA LYS C 107 -6.05 17.75 -22.50
C LYS C 107 -7.48 17.27 -22.27
N LEU C 108 -7.77 16.78 -21.07
CA LEU C 108 -9.09 16.27 -20.74
C LEU C 108 -10.08 17.40 -20.42
N SER C 109 -11.30 17.28 -20.94
CA SER C 109 -12.32 18.29 -20.68
C SER C 109 -12.86 18.12 -19.26
N THR C 110 -12.72 16.91 -18.73
CA THR C 110 -13.16 16.59 -17.38
C THR C 110 -11.98 16.01 -16.62
N ALA C 111 -11.61 16.63 -15.51
CA ALA C 111 -10.49 16.15 -14.72
C ALA C 111 -10.74 14.72 -14.22
N ALA C 112 -9.68 13.92 -14.17
CA ALA C 112 -9.81 12.55 -13.68
C ALA C 112 -9.82 12.62 -12.15
N SER C 113 -10.55 11.69 -11.51
CA SER C 113 -10.62 11.63 -10.06
C SER C 113 -9.58 10.62 -9.59
N PHE C 114 -8.47 11.10 -9.05
CA PHE C 114 -7.43 10.18 -8.59
C PHE C 114 -7.88 9.33 -7.41
N SER C 115 -7.32 8.12 -7.33
CA SER C 115 -7.67 7.20 -6.26
C SER C 115 -6.59 6.13 -6.13
N GLN C 116 -6.95 5.01 -5.53
CA GLN C 116 -6.02 3.92 -5.34
C GLN C 116 -5.61 3.28 -6.68
N THR C 117 -6.51 3.32 -7.66
CA THR C 117 -6.25 2.73 -8.96
C THR C 117 -6.04 3.75 -10.09
N VAL C 118 -6.07 5.03 -9.75
CA VAL C 118 -5.89 6.09 -10.74
C VAL C 118 -4.99 7.20 -10.20
N SER C 119 -3.78 7.33 -10.77
CA SER C 119 -2.84 8.38 -10.35
C SER C 119 -1.81 8.63 -11.45
N ALA C 120 -0.88 9.56 -11.24
CA ALA C 120 0.10 9.90 -12.27
C ALA C 120 1.52 9.35 -12.16
N VAL C 121 2.18 9.26 -13.32
CA VAL C 121 3.55 8.79 -13.41
C VAL C 121 4.43 10.04 -13.37
N CYS C 122 5.69 9.92 -12.96
CA CYS C 122 6.57 11.09 -12.92
C CYS C 122 7.23 11.33 -14.27
N LEU C 123 7.66 12.57 -14.51
CA LEU C 123 8.34 12.95 -15.75
C LEU C 123 9.81 13.23 -15.43
N PRO C 124 10.72 12.90 -16.35
CA PRO C 124 12.15 13.14 -16.12
C PRO C 124 12.53 14.57 -16.50
N SER C 125 13.75 14.98 -16.12
CA SER C 125 14.25 16.30 -16.50
C SER C 125 14.90 16.09 -17.87
N ALA C 126 15.21 17.18 -18.57
CA ALA C 126 15.83 17.05 -19.87
C ALA C 126 17.27 16.55 -19.81
N SER C 127 17.88 16.65 -18.63
CA SER C 127 19.27 16.21 -18.47
C SER C 127 19.41 14.82 -17.86
N ASP C 128 18.32 14.28 -17.32
CA ASP C 128 18.40 12.96 -16.72
C ASP C 128 18.91 11.93 -17.72
N ASP C 129 19.60 10.93 -17.21
CA ASP C 129 20.16 9.88 -18.05
C ASP C 129 19.84 8.52 -17.45
N PHE C 130 19.41 7.59 -18.31
CA PHE C 130 19.10 6.23 -17.89
C PHE C 130 20.01 5.31 -18.69
N ALA C 131 21.03 4.78 -18.02
CA ALA C 131 22.03 3.92 -18.61
C ALA C 131 21.58 2.62 -19.28
N ALA C 132 22.31 2.24 -20.32
CA ALA C 132 22.04 1.02 -21.04
C ALA C 132 22.17 -0.13 -20.04
N GLY C 133 21.34 -1.16 -20.19
CA GLY C 133 21.41 -2.28 -19.27
C GLY C 133 20.42 -2.16 -18.12
N THR C 134 19.98 -0.94 -17.84
CA THR C 134 19.01 -0.73 -16.77
C THR C 134 17.75 -1.53 -17.05
N THR C 135 17.22 -2.20 -16.03
CA THR C 135 16.01 -2.98 -16.20
C THR C 135 14.78 -2.10 -15.95
N CYS C 136 13.94 -1.96 -16.96
CA CYS C 136 12.75 -1.16 -16.83
C CYS C 136 11.53 -2.02 -17.16
N VAL C 137 10.35 -1.41 -17.19
CA VAL C 137 9.11 -2.13 -17.45
C VAL C 137 8.20 -1.42 -18.45
N THR C 138 7.48 -2.21 -19.24
CA THR C 138 6.51 -1.68 -20.20
C THR C 138 5.20 -2.42 -19.94
N THR C 139 4.06 -1.77 -20.19
CA THR C 139 2.77 -2.41 -19.93
C THR C 139 1.76 -2.10 -21.04
N GLY C 140 0.74 -2.95 -21.16
CA GLY C 140 -0.28 -2.71 -22.17
C GLY C 140 -1.19 -3.87 -22.48
N TRP C 141 -2.20 -3.61 -23.32
CA TRP C 141 -3.15 -4.65 -23.72
C TRP C 141 -2.89 -5.14 -25.16
N GLY C 142 -1.65 -4.98 -25.63
CA GLY C 142 -1.32 -5.41 -26.97
C GLY C 142 -1.30 -6.94 -27.11
N LEU C 143 -1.23 -7.43 -28.34
CA LEU C 143 -1.22 -8.87 -28.59
C LEU C 143 -0.16 -9.60 -27.78
N THR C 144 -0.52 -10.80 -27.30
CA THR C 144 0.40 -11.63 -26.53
C THR C 144 0.99 -12.69 -27.47
N ARG C 145 0.38 -12.84 -28.65
CA ARG C 145 0.85 -13.79 -29.65
C ARG C 145 0.46 -13.29 -31.03
N TYR C 146 1.40 -13.33 -31.97
CA TYR C 146 1.15 -12.86 -33.32
C TYR C 146 0.57 -13.97 -34.18
N ASN C 150 -3.51 -13.27 -30.51
CA ASN C 150 -4.35 -13.28 -29.28
C ASN C 150 -4.32 -11.93 -28.55
N THR C 151 -5.50 -11.33 -28.38
CA THR C 151 -5.60 -10.06 -27.67
C THR C 151 -6.01 -10.38 -26.24
N PRO C 152 -5.23 -9.93 -25.25
CA PRO C 152 -5.53 -10.20 -23.84
C PRO C 152 -6.63 -9.34 -23.23
N ASP C 153 -7.40 -9.93 -22.32
CA ASP C 153 -8.47 -9.22 -21.62
C ASP C 153 -7.83 -8.35 -20.53
N ARG C 154 -6.83 -8.93 -19.86
CA ARG C 154 -6.16 -8.27 -18.75
C ARG C 154 -4.80 -7.65 -19.06
N LEU C 155 -4.53 -6.55 -18.38
CA LEU C 155 -3.29 -5.82 -18.52
C LEU C 155 -2.05 -6.70 -18.32
N GLN C 156 -1.12 -6.61 -19.27
CA GLN C 156 0.13 -7.37 -19.25
C GLN C 156 1.30 -6.45 -18.87
N GLN C 157 2.38 -7.06 -18.40
CA GLN C 157 3.59 -6.33 -18.05
C GLN C 157 4.81 -7.15 -18.43
N ALA C 158 5.95 -6.50 -18.54
CA ALA C 158 7.20 -7.19 -18.87
C ALA C 158 8.41 -6.38 -18.49
N SER C 159 9.39 -7.04 -17.85
CA SER C 159 10.64 -6.39 -17.49
C SER C 159 11.55 -6.54 -18.70
N LEU C 160 12.31 -5.49 -19.00
CA LEU C 160 13.22 -5.51 -20.15
C LEU C 160 14.33 -4.47 -20.00
N PRO C 161 15.51 -4.74 -20.59
CA PRO C 161 16.65 -3.82 -20.52
C PRO C 161 16.69 -2.75 -21.59
N LEU C 162 17.22 -1.60 -21.21
CA LEU C 162 17.39 -0.47 -22.12
C LEU C 162 18.67 -0.71 -22.90
N LEU C 163 18.68 -0.30 -24.17
CA LEU C 163 19.87 -0.44 -25.00
C LEU C 163 20.38 0.94 -25.39
N SER C 164 21.64 1.01 -25.79
CA SER C 164 22.21 2.28 -26.22
C SER C 164 21.80 2.43 -27.69
N ASN C 165 21.74 3.66 -28.19
CA ASN C 165 21.35 3.86 -29.58
C ASN C 165 22.38 3.23 -30.53
N THR C 166 23.64 3.18 -30.09
CA THR C 166 24.68 2.58 -30.91
C THR C 166 24.39 1.10 -31.12
N ASN C 167 24.07 0.40 -30.03
CA ASN C 167 23.76 -1.02 -30.11
C ASN C 167 22.46 -1.27 -30.87
N CYS C 168 21.48 -0.38 -30.67
CA CYS C 168 20.20 -0.53 -31.35
C CYS C 168 20.39 -0.43 -32.85
N LYS C 169 21.35 0.39 -33.26
CA LYS C 169 21.64 0.59 -34.66
C LYS C 169 22.05 -0.70 -35.34
N LYS C 170 22.62 -1.62 -34.58
CA LYS C 170 23.05 -2.90 -35.13
C LYS C 170 21.85 -3.63 -35.73
N TYR C 171 20.66 -3.37 -35.16
CA TYR C 171 19.43 -4.00 -35.61
C TYR C 171 18.65 -3.15 -36.61
N TRP C 172 18.55 -1.85 -36.33
CA TRP C 172 17.77 -0.97 -37.19
C TRP C 172 18.49 0.08 -38.03
N GLY C 173 19.81 0.11 -37.96
CA GLY C 173 20.57 1.07 -38.75
C GLY C 173 20.19 2.53 -38.54
N THR C 174 20.17 3.28 -39.64
CA THR C 174 19.87 4.71 -39.61
C THR C 174 18.43 5.12 -39.28
N LYS C 175 17.57 4.15 -38.99
CA LYS C 175 16.19 4.47 -38.63
C LYS C 175 16.15 5.04 -37.21
N ILE C 176 17.19 4.75 -36.42
CA ILE C 176 17.26 5.21 -35.04
C ILE C 176 17.79 6.64 -34.90
N LYS C 177 16.93 7.54 -34.45
CA LYS C 177 17.29 8.95 -34.26
C LYS C 177 17.47 9.26 -32.77
N ASP C 178 17.98 10.46 -32.46
CA ASP C 178 18.23 10.86 -31.08
C ASP C 178 17.00 10.93 -30.18
N ALA C 179 15.84 11.21 -30.77
CA ALA C 179 14.60 11.30 -30.00
C ALA C 179 13.92 9.93 -29.83
N MET C 180 14.69 8.86 -30.01
CA MET C 180 14.17 7.51 -29.84
C MET C 180 15.06 6.80 -28.85
N ILE C 181 14.51 5.77 -28.19
CA ILE C 181 15.28 4.95 -27.26
C ILE C 181 14.79 3.52 -27.46
N CYS C 182 15.70 2.55 -27.41
CA CYS C 182 15.32 1.16 -27.61
C CYS C 182 15.41 0.33 -26.32
N ALA C 183 14.64 -0.75 -26.30
CA ALA C 183 14.62 -1.66 -25.16
C ALA C 183 14.14 -3.03 -25.61
N GLY C 184 14.62 -4.09 -24.96
CA GLY C 184 14.19 -5.42 -25.34
C GLY C 184 15.20 -6.33 -26.00
N ALA C 185 14.74 -7.12 -26.97
CA ALA C 185 15.59 -8.08 -27.68
C ALA C 185 16.05 -9.11 -26.64
N SER C 186 15.27 -9.24 -25.58
CA SER C 186 15.60 -10.13 -24.48
C SER C 186 14.58 -11.23 -24.17
N GLY C 187 13.75 -11.58 -25.15
CA GLY C 187 12.76 -12.62 -24.90
C GLY C 187 11.33 -12.13 -24.82
N VAL C 188 11.13 -10.81 -24.79
CA VAL C 188 9.80 -10.23 -24.74
C VAL C 188 9.69 -9.20 -25.86
N SER C 189 8.48 -8.73 -26.12
CA SER C 189 8.27 -7.73 -27.17
C SER C 189 6.93 -7.01 -27.11
N SER C 190 6.96 -5.71 -27.35
CA SER C 190 5.73 -4.93 -27.41
C SER C 190 5.10 -5.39 -28.72
N CYS C 191 3.79 -5.26 -28.86
CA CYS C 191 3.12 -5.71 -30.07
C CYS C 191 1.84 -4.90 -30.34
N MET C 192 1.18 -5.20 -31.46
CA MET C 192 -0.04 -4.49 -31.87
C MET C 192 -1.02 -4.21 -30.73
N GLY C 193 -1.28 -2.93 -30.51
CA GLY C 193 -2.19 -2.53 -29.47
C GLY C 193 -1.46 -1.98 -28.25
N ASP C 194 -0.13 -2.03 -28.26
CA ASP C 194 0.68 -1.50 -27.14
C ASP C 194 1.10 -0.03 -27.40
N SER C 195 1.03 0.41 -28.65
CA SER C 195 1.40 1.79 -29.01
C SER C 195 0.86 2.89 -28.08
N GLY C 196 1.71 3.88 -27.78
CA GLY C 196 1.30 4.97 -26.92
C GLY C 196 1.44 4.71 -25.43
N GLY C 197 1.61 3.43 -25.06
CA GLY C 197 1.74 3.06 -23.66
C GLY C 197 3.08 3.45 -23.06
N PRO C 198 3.28 3.24 -21.74
CA PRO C 198 4.52 3.61 -21.07
C PRO C 198 5.67 2.60 -20.98
N LEU C 199 6.87 3.15 -20.84
CA LEU C 199 8.10 2.40 -20.63
C LEU C 199 8.60 3.17 -19.41
N VAL C 200 8.60 2.53 -18.24
CA VAL C 200 9.01 3.20 -17.02
C VAL C 200 10.19 2.56 -16.28
N CYS C 201 10.97 3.41 -15.62
CA CYS C 201 12.11 2.93 -14.83
C CYS C 201 12.00 3.58 -13.46
N LYS C 202 12.41 2.87 -12.42
CA LYS C 202 12.33 3.39 -11.06
C LYS C 202 13.55 4.25 -10.75
N LYS C 203 13.29 5.53 -10.45
CA LYS C 203 14.34 6.49 -10.12
C LYS C 203 14.01 7.12 -8.77
N ASN C 204 14.83 6.82 -7.76
CA ASN C 204 14.62 7.34 -6.41
C ASN C 204 13.35 6.71 -5.84
N GLY C 205 13.17 5.42 -6.10
CA GLY C 205 12.00 4.72 -5.59
C GLY C 205 10.70 5.11 -6.28
N ALA C 206 10.77 5.98 -7.28
CA ALA C 206 9.56 6.40 -7.98
C ALA C 206 9.65 6.05 -9.47
N TRP C 207 8.54 5.58 -10.03
CA TRP C 207 8.51 5.22 -11.44
C TRP C 207 8.46 6.47 -12.30
N THR C 208 9.37 6.55 -13.26
CA THR C 208 9.47 7.69 -14.16
C THR C 208 9.35 7.25 -15.61
N LEU C 209 8.61 8.03 -16.40
CA LEU C 209 8.36 7.74 -17.82
C LEU C 209 9.56 8.08 -18.71
N VAL C 210 10.27 7.07 -19.21
CA VAL C 210 11.40 7.36 -20.07
C VAL C 210 11.12 7.05 -21.53
N GLY C 211 10.07 6.27 -21.80
CA GLY C 211 9.72 5.93 -23.16
C GLY C 211 8.24 5.76 -23.42
N ILE C 212 7.85 5.93 -24.68
CA ILE C 212 6.46 5.78 -25.14
C ILE C 212 6.51 4.73 -26.28
N VAL C 213 5.70 3.67 -26.19
CA VAL C 213 5.71 2.64 -27.23
C VAL C 213 5.45 3.28 -28.59
N SER C 214 6.39 3.07 -29.51
CA SER C 214 6.30 3.67 -30.85
C SER C 214 6.27 2.69 -32.02
N TRP C 215 7.38 2.01 -32.28
CA TRP C 215 7.42 1.04 -33.38
C TRP C 215 8.37 -0.12 -33.15
N GLY C 216 8.23 -1.17 -33.97
CA GLY C 216 9.08 -2.33 -33.86
C GLY C 216 8.84 -3.32 -35.00
N SER C 217 9.41 -4.51 -34.90
CA SER C 217 9.23 -5.52 -35.95
C SER C 217 7.77 -5.90 -36.09
N SER C 218 7.33 -6.03 -37.34
CA SER C 218 5.94 -6.36 -37.65
C SER C 218 5.48 -7.71 -37.12
N THR C 219 6.42 -8.60 -36.81
CA THR C 219 6.05 -9.91 -36.29
C THR C 219 6.20 -9.97 -34.76
N CYS C 220 6.65 -8.87 -34.17
CA CYS C 220 6.84 -8.79 -32.72
C CYS C 220 7.86 -9.81 -32.23
N SER C 221 8.91 -9.98 -33.02
CA SER C 221 10.00 -10.89 -32.69
C SER C 221 10.61 -10.53 -31.33
N THR C 222 10.79 -11.53 -30.47
CA THR C 222 11.37 -11.27 -29.15
C THR C 222 12.89 -11.16 -29.16
N SER C 223 13.51 -11.35 -30.32
CA SER C 223 14.97 -11.25 -30.40
C SER C 223 15.38 -9.90 -31.00
N THR C 224 14.39 -9.07 -31.30
CA THR C 224 14.62 -7.75 -31.87
C THR C 224 14.16 -6.70 -30.88
N PRO C 225 14.91 -5.60 -30.73
CA PRO C 225 14.51 -4.57 -29.78
C PRO C 225 13.33 -3.71 -30.26
N GLY C 226 12.52 -3.24 -29.32
CA GLY C 226 11.41 -2.37 -29.64
C GLY C 226 11.92 -0.94 -29.60
N VAL C 227 11.21 -0.02 -30.26
CA VAL C 227 11.61 1.38 -30.29
C VAL C 227 10.56 2.26 -29.62
N TYR C 228 11.03 3.17 -28.77
CA TYR C 228 10.17 4.06 -28.01
C TYR C 228 10.56 5.54 -28.19
N ALA C 229 9.62 6.45 -28.05
CA ALA C 229 9.95 7.87 -28.16
C ALA C 229 10.70 8.19 -26.86
N ARG C 230 11.84 8.87 -26.97
CA ARG C 230 12.68 9.22 -25.81
C ARG C 230 12.15 10.46 -25.11
N VAL C 231 11.51 10.25 -23.95
CA VAL C 231 10.91 11.35 -23.20
C VAL C 231 11.85 12.49 -22.78
N THR C 232 13.07 12.18 -22.37
CA THR C 232 14.00 13.24 -21.97
C THR C 232 14.23 14.22 -23.12
N ALA C 233 14.17 13.74 -24.34
CA ALA C 233 14.38 14.59 -25.51
C ALA C 233 13.15 15.41 -25.86
N LEU C 234 12.03 15.11 -25.22
CA LEU C 234 10.78 15.79 -25.52
C LEU C 234 10.11 16.50 -24.34
N VAL C 235 10.67 16.38 -23.14
CA VAL C 235 10.06 17.00 -21.96
C VAL C 235 9.93 18.52 -21.98
N ASN C 236 10.87 19.20 -22.64
CA ASN C 236 10.79 20.65 -22.69
C ASN C 236 9.55 21.09 -23.46
N TRP C 237 9.19 20.34 -24.50
CA TRP C 237 8.01 20.65 -25.30
C TRP C 237 6.77 20.37 -24.46
N VAL C 238 6.82 19.32 -23.65
CA VAL C 238 5.68 18.99 -22.80
C VAL C 238 5.44 20.12 -21.80
N GLN C 239 6.49 20.53 -21.10
CA GLN C 239 6.38 21.60 -20.11
C GLN C 239 5.84 22.88 -20.74
N GLN C 240 6.40 23.25 -21.89
CA GLN C 240 5.98 24.46 -22.59
C GLN C 240 4.51 24.40 -22.98
N THR C 241 4.08 23.25 -23.47
CA THR C 241 2.69 23.07 -23.88
C THR C 241 1.75 23.17 -22.70
N LEU C 242 2.18 22.66 -21.55
CA LEU C 242 1.36 22.70 -20.35
C LEU C 242 1.24 24.11 -19.77
N ALA C 243 2.38 24.69 -19.42
CA ALA C 243 2.43 26.04 -18.84
C ALA C 243 1.72 27.10 -19.69
N ALA C 244 1.43 26.77 -20.94
CA ALA C 244 0.77 27.72 -21.85
C ALA C 244 -0.72 27.43 -22.01
N ASN C 245 -1.16 26.26 -21.56
CA ASN C 245 -2.56 25.87 -21.66
C ASN C 245 -3.10 25.42 -20.31
N ILE D 2 3.49 -30.76 32.18
CA ILE D 2 2.69 -31.83 31.52
C ILE D 2 3.34 -33.19 31.69
N SER D 3 2.51 -34.20 31.95
CA SER D 3 2.99 -35.56 32.14
C SER D 3 1.96 -36.53 31.57
N CYS D 4 2.39 -37.35 30.62
CA CYS D 4 1.50 -38.33 29.99
C CYS D 4 2.24 -39.59 29.57
N GLU D 5 1.49 -40.63 29.25
CA GLU D 5 2.06 -41.90 28.84
C GLU D 5 2.59 -41.80 27.41
N PRO D 6 3.93 -41.87 27.26
CA PRO D 6 4.62 -41.79 25.96
C PRO D 6 3.89 -42.45 24.79
N GLY D 7 3.76 -41.71 23.70
CA GLY D 7 3.10 -42.23 22.52
C GLY D 7 1.61 -42.44 22.61
N LYS D 8 1.07 -42.41 23.83
CA LYS D 8 -0.36 -42.62 24.02
C LYS D 8 -1.23 -41.49 23.47
N THR D 9 -2.27 -41.87 22.73
CA THR D 9 -3.20 -40.93 22.13
C THR D 9 -4.34 -40.59 23.09
N PHE D 10 -4.14 -39.55 23.90
CA PHE D 10 -5.17 -39.14 24.83
C PHE D 10 -5.96 -37.94 24.29
N LYS D 11 -6.98 -37.54 25.02
CA LYS D 11 -7.81 -36.43 24.60
C LYS D 11 -7.89 -35.34 25.66
N ASP D 12 -7.51 -34.12 25.28
CA ASP D 12 -7.56 -33.00 26.20
C ASP D 12 -9.02 -32.56 26.28
N LYS D 13 -9.26 -31.26 26.44
CA LYS D 13 -10.63 -30.76 26.53
C LYS D 13 -11.43 -31.23 25.32
N CYS D 14 -11.38 -30.47 24.22
CA CYS D 14 -12.10 -30.84 23.02
C CYS D 14 -11.13 -31.17 21.90
N ASN D 15 -9.83 -31.15 22.22
CA ASN D 15 -8.78 -31.46 21.27
C ASN D 15 -8.21 -32.83 21.61
N THR D 16 -7.62 -33.50 20.63
CA THR D 16 -7.01 -34.80 20.86
C THR D 16 -5.52 -34.64 20.74
N CYS D 17 -4.76 -35.43 21.49
CA CYS D 17 -3.31 -35.34 21.46
C CYS D 17 -2.62 -36.69 21.48
N ARG D 18 -1.34 -36.67 21.13
CA ARG D 18 -0.51 -37.85 21.13
C ARG D 18 0.66 -37.49 22.04
N CYS D 19 0.78 -38.22 23.15
CA CYS D 19 1.84 -37.94 24.11
C CYS D 19 3.23 -38.06 23.48
N GLY D 20 4.11 -37.14 23.85
CA GLY D 20 5.46 -37.15 23.33
C GLY D 20 6.22 -38.43 23.65
N ALA D 21 7.29 -38.68 22.90
CA ALA D 21 8.10 -39.88 23.10
C ALA D 21 8.88 -39.79 24.41
N ASP D 22 8.50 -38.83 25.26
CA ASP D 22 9.18 -38.63 26.53
C ASP D 22 8.19 -38.34 27.67
N GLY D 23 6.92 -38.59 27.43
CA GLY D 23 5.90 -38.34 28.43
C GLY D 23 5.96 -36.96 29.07
N LYS D 24 6.79 -36.08 28.50
CA LYS D 24 6.95 -34.73 29.02
C LYS D 24 6.21 -33.71 28.16
N SER D 25 5.87 -34.09 26.93
CA SER D 25 5.16 -33.20 26.03
C SER D 25 4.11 -33.93 25.22
N ALA D 26 3.48 -33.22 24.28
CA ALA D 26 2.45 -33.81 23.43
C ALA D 26 2.07 -32.89 22.28
N ALA D 27 1.46 -33.46 21.25
CA ALA D 27 1.01 -32.72 20.09
C ALA D 27 -0.51 -32.78 20.08
N CYS D 28 -1.16 -31.62 19.93
CA CYS D 28 -2.62 -31.59 19.94
C CYS D 28 -3.18 -30.80 18.76
N THR D 29 -4.45 -31.02 18.47
CA THR D 29 -5.14 -30.28 17.42
C THR D 29 -5.31 -28.91 18.06
N LEU D 30 -5.61 -27.88 17.25
CA LEU D 30 -5.71 -26.53 17.79
C LEU D 30 -7.08 -25.85 17.78
N LYS D 31 -8.12 -26.61 18.15
CA LYS D 31 -9.48 -26.07 18.23
C LYS D 31 -9.67 -25.26 19.51
N ALA D 32 -10.69 -24.41 19.53
CA ALA D 32 -11.01 -23.61 20.71
C ALA D 32 -12.12 -24.36 21.44
N CYS D 33 -11.96 -24.54 22.75
CA CYS D 33 -12.96 -25.27 23.51
C CYS D 33 -13.75 -24.35 24.45
N PRO D 34 -15.08 -24.53 24.49
CA PRO D 34 -15.97 -23.72 25.33
C PRO D 34 -15.49 -23.62 26.78
N ASN D 35 -14.87 -24.70 27.25
CA ASN D 35 -14.35 -24.75 28.61
C ASN D 35 -12.83 -24.85 28.62
N SER E 3 20.76 38.41 11.94
CA SER E 3 21.78 38.79 12.96
C SER E 3 21.11 39.20 14.27
N CYS E 4 21.76 38.87 15.39
CA CYS E 4 21.21 39.18 16.71
C CYS E 4 22.24 39.03 17.84
N GLU E 5 21.85 39.46 19.04
CA GLU E 5 22.72 39.36 20.20
C GLU E 5 22.77 37.92 20.71
N PRO E 6 23.90 37.23 20.53
CA PRO E 6 24.08 35.84 20.97
C PRO E 6 23.54 35.57 22.38
N GLY E 7 22.67 34.57 22.49
CA GLY E 7 22.10 34.21 23.77
C GLY E 7 20.82 34.95 24.11
N LYS E 8 20.58 36.07 23.44
CA LYS E 8 19.40 36.88 23.67
C LYS E 8 18.12 36.24 23.14
N THR E 9 17.04 36.35 23.92
CA THR E 9 15.75 35.83 23.52
C THR E 9 14.95 37.03 23.02
N PHE E 10 14.62 37.01 21.73
CA PHE E 10 13.86 38.10 21.13
C PHE E 10 12.58 37.62 20.47
N LYS E 11 11.94 38.52 19.74
CA LYS E 11 10.69 38.20 19.04
C LYS E 11 10.75 38.48 17.56
N ASP E 12 9.93 37.75 16.82
CA ASP E 12 9.81 37.94 15.39
C ASP E 12 8.37 38.39 15.31
N LYS E 13 7.69 38.19 14.18
CA LYS E 13 6.30 38.62 14.10
C LYS E 13 5.50 38.11 15.29
N CYS E 14 5.01 36.88 15.23
CA CYS E 14 4.24 36.34 16.35
C CYS E 14 4.94 35.17 17.04
N ASN E 15 6.18 34.90 16.63
CA ASN E 15 6.96 33.81 17.22
C ASN E 15 8.10 34.35 18.07
N THR E 16 8.50 33.60 19.08
CA THR E 16 9.61 33.99 19.95
C THR E 16 10.85 33.20 19.54
N CYS E 17 11.97 33.89 19.41
CA CYS E 17 13.21 33.23 19.02
C CYS E 17 14.33 33.41 20.03
N ARG E 18 15.35 32.57 19.90
CA ARG E 18 16.52 32.62 20.77
C ARG E 18 17.75 32.62 19.89
N CYS E 19 18.48 33.74 19.91
CA CYS E 19 19.68 33.89 19.11
C CYS E 19 20.74 32.87 19.49
N GLY E 20 21.41 32.33 18.46
CA GLY E 20 22.44 31.35 18.70
C GLY E 20 23.67 31.98 19.34
N ALA E 21 24.58 31.14 19.81
CA ALA E 21 25.81 31.63 20.44
C ALA E 21 26.72 32.27 19.41
N ASP E 22 26.24 32.44 18.19
CA ASP E 22 27.04 33.04 17.12
C ASP E 22 26.37 34.27 16.50
N GLY E 23 25.24 34.68 17.06
CA GLY E 23 24.54 35.84 16.56
C GLY E 23 24.28 35.80 15.06
N LYS E 24 24.48 34.63 14.46
CA LYS E 24 24.28 34.44 13.03
C LYS E 24 22.99 33.66 12.73
N SER E 25 22.62 32.77 13.65
CA SER E 25 21.41 31.96 13.48
C SER E 25 20.47 32.11 14.67
N ALA E 26 19.36 31.36 14.65
CA ALA E 26 18.39 31.41 15.73
C ALA E 26 17.40 30.25 15.73
N ALA E 27 16.73 30.08 16.86
CA ALA E 27 15.72 29.03 17.04
C ALA E 27 14.40 29.69 17.42
N CYS E 28 13.32 29.36 16.71
CA CYS E 28 12.02 29.97 16.98
C CYS E 28 10.90 28.95 17.01
N THR E 29 9.75 29.39 17.55
CA THR E 29 8.56 28.56 17.57
C THR E 29 8.09 28.63 16.12
N LEU E 30 7.22 27.71 15.71
CA LEU E 30 6.79 27.70 14.30
C LEU E 30 5.33 28.03 13.98
N LYS E 31 4.82 29.08 14.59
CA LYS E 31 3.43 29.51 14.35
C LYS E 31 3.32 30.32 13.05
N ALA E 32 2.14 30.33 12.45
CA ALA E 32 1.91 31.12 11.25
C ALA E 32 1.44 32.49 11.77
N CYS E 33 1.98 33.56 11.21
CA CYS E 33 1.60 34.90 11.65
C CYS E 33 0.84 35.66 10.58
N PRO E 34 -0.22 36.40 10.98
CA PRO E 34 -1.06 37.20 10.08
C PRO E 34 -0.31 38.41 9.52
N ASN E 35 0.84 38.71 10.11
CA ASN E 35 1.66 39.84 9.68
C ASN E 35 2.75 39.36 8.73
N SER F 3 5.79 -10.09 -47.57
CA SER F 3 6.71 -9.58 -48.63
C SER F 3 6.31 -8.18 -49.08
N CYS F 4 7.30 -7.42 -49.55
CA CYS F 4 7.07 -6.04 -50.00
C CYS F 4 8.25 -5.48 -50.79
N GLU F 5 8.10 -4.26 -51.29
CA GLU F 5 9.15 -3.59 -52.05
C GLU F 5 10.17 -3.01 -51.09
N PRO F 6 11.36 -3.60 -51.02
CA PRO F 6 12.43 -3.14 -50.13
C PRO F 6 12.57 -1.63 -50.02
N GLY F 7 12.69 -1.15 -48.78
CA GLY F 7 12.84 0.28 -48.52
C GLY F 7 11.61 1.14 -48.76
N LYS F 8 10.55 0.53 -49.29
CA LYS F 8 9.33 1.29 -49.56
C LYS F 8 8.41 1.28 -48.34
N THR F 9 7.97 2.46 -47.92
CA THR F 9 7.08 2.58 -46.76
C THR F 9 5.64 2.37 -47.22
N PHE F 10 5.03 1.29 -46.75
CA PHE F 10 3.65 0.99 -47.12
C PHE F 10 2.69 1.14 -45.96
N LYS F 11 1.56 0.43 -46.03
CA LYS F 11 0.55 0.50 -44.99
C LYS F 11 -0.19 -0.83 -44.82
N ASP F 12 0.05 -1.46 -43.82
CA ASP F 12 -0.83 -2.60 -43.55
C ASP F 12 -2.17 -1.96 -43.10
N LYS F 13 -3.11 -2.64 -42.70
CA LYS F 13 -4.36 -1.97 -42.27
C LYS F 13 -4.19 -0.44 -41.81
N CYS F 14 -4.23 -0.21 -40.49
CA CYS F 14 -4.15 1.17 -39.90
C CYS F 14 -2.74 1.50 -39.41
N ASN F 15 -1.76 0.67 -39.60
CA ASN F 15 -0.38 0.97 -39.23
C ASN F 15 0.47 1.27 -40.46
N THR F 16 1.40 2.21 -40.33
CA THR F 16 2.29 2.53 -41.44
C THR F 16 3.57 1.75 -41.18
N CYS F 17 3.99 0.99 -42.18
CA CYS F 17 5.21 0.19 -42.06
C CYS F 17 6.28 0.65 -43.05
N ARG F 18 7.42 -0.01 -42.97
CA ARG F 18 8.56 0.27 -43.84
C ARG F 18 9.22 -1.06 -44.16
N CYS F 19 9.20 -1.42 -45.44
CA CYS F 19 9.77 -2.69 -45.89
C CYS F 19 11.25 -2.83 -45.62
N GLY F 20 11.64 -3.99 -45.11
CA GLY F 20 13.04 -4.25 -44.81
C GLY F 20 13.87 -4.46 -46.06
N ALA F 21 15.14 -4.81 -45.86
CA ALA F 21 16.04 -5.05 -46.98
C ALA F 21 15.61 -6.26 -47.80
N ASP F 22 15.53 -7.41 -47.14
CA ASP F 22 15.14 -8.67 -47.78
C ASP F 22 13.77 -8.59 -48.46
N GLY F 23 13.10 -7.45 -48.31
CA GLY F 23 11.79 -7.28 -48.93
C GLY F 23 10.70 -8.19 -48.40
N LYS F 24 10.93 -8.84 -47.27
CA LYS F 24 9.93 -9.72 -46.68
C LYS F 24 9.69 -9.44 -45.20
N SER F 25 10.49 -8.54 -44.64
CA SER F 25 10.36 -8.16 -43.24
C SER F 25 10.03 -6.67 -43.20
N ALA F 26 9.67 -6.15 -42.03
CA ALA F 26 9.34 -4.74 -41.92
C ALA F 26 9.30 -4.19 -40.50
N ALA F 27 9.15 -2.88 -40.40
CA ALA F 27 9.06 -2.16 -39.14
C ALA F 27 7.75 -1.38 -39.20
N CYS F 28 6.86 -1.61 -38.24
CA CYS F 28 5.57 -0.94 -38.24
C CYS F 28 5.24 -0.28 -36.90
N THR F 29 4.30 0.65 -36.94
CA THR F 29 3.84 1.31 -35.73
C THR F 29 3.01 0.21 -35.07
N LEU F 30 2.73 0.34 -33.78
CA LEU F 30 2.02 -0.74 -33.07
C LEU F 30 0.59 -0.49 -32.58
N LYS F 31 -0.24 0.08 -33.44
CA LYS F 31 -1.63 0.34 -33.09
C LYS F 31 -2.49 -0.91 -33.29
N ALA F 32 -3.62 -0.97 -32.58
CA ALA F 32 -4.55 -2.09 -32.74
C ALA F 32 -5.56 -1.58 -33.77
N CYS F 33 -5.70 -2.30 -34.88
CA CYS F 33 -6.65 -1.88 -35.90
C CYS F 33 -7.97 -2.62 -35.78
N PRO F 34 -9.10 -1.88 -35.89
CA PRO F 34 -10.42 -2.51 -35.79
C PRO F 34 -10.65 -3.46 -36.95
N ASN F 35 -10.89 -4.73 -36.62
CA ASN F 35 -11.11 -5.75 -37.65
C ASN F 35 -12.59 -5.95 -37.95
CD CD G . -21.97 -25.78 -7.41
CD CD H . -13.20 -5.46 21.07
CD CD I . -15.43 13.85 29.33
CD CD J . -6.82 25.17 -3.74
CD CD K . -4.88 24.89 -18.14
CD CD L . -12.02 -10.99 -18.65
#